data_1JO1
# 
_entry.id   1JO1 
# 
_audit_conform.dict_name       mmcif_pdbx.dic 
_audit_conform.dict_version    5.392 
_audit_conform.dict_location   http://mmcif.pdb.org/dictionaries/ascii/mmcif_pdbx.dic 
# 
loop_
_database_2.database_id 
_database_2.database_code 
_database_2.pdbx_database_accession 
_database_2.pdbx_DOI 
PDB   1JO1         pdb_00001jo1 10.2210/pdb1jo1/pdb 
RCSB  RCSB013991   ?            ?                   
WWPDB D_1000013991 ?            ?                   
# 
loop_
_pdbx_audit_revision_history.ordinal 
_pdbx_audit_revision_history.data_content_type 
_pdbx_audit_revision_history.major_revision 
_pdbx_audit_revision_history.minor_revision 
_pdbx_audit_revision_history.revision_date 
1 'Structure model' 1 0 2001-09-12 
2 'Structure model' 1 1 2008-04-27 
3 'Structure model' 1 2 2011-07-13 
4 'Structure model' 1 3 2022-02-23 
5 'Structure model' 1 4 2024-05-22 
# 
_pdbx_audit_revision_details.ordinal             1 
_pdbx_audit_revision_details.revision_ordinal    1 
_pdbx_audit_revision_details.data_content_type   'Structure model' 
_pdbx_audit_revision_details.provider            repository 
_pdbx_audit_revision_details.type                'Initial release' 
_pdbx_audit_revision_details.description         ? 
_pdbx_audit_revision_details.details             ? 
# 
loop_
_pdbx_audit_revision_group.ordinal 
_pdbx_audit_revision_group.revision_ordinal 
_pdbx_audit_revision_group.data_content_type 
_pdbx_audit_revision_group.group 
1 2 'Structure model' 'Version format compliance' 
2 3 'Structure model' 'Version format compliance' 
3 4 'Structure model' 'Data collection'           
4 4 'Structure model' 'Database references'       
5 4 'Structure model' 'Derived calculations'      
6 5 'Structure model' 'Data collection'           
# 
loop_
_pdbx_audit_revision_category.ordinal 
_pdbx_audit_revision_category.revision_ordinal 
_pdbx_audit_revision_category.data_content_type 
_pdbx_audit_revision_category.category 
1 4 'Structure model' database_2            
2 4 'Structure model' pdbx_nmr_software     
3 4 'Structure model' pdbx_struct_assembly  
4 4 'Structure model' pdbx_struct_oper_list 
5 4 'Structure model' struct_conn           
6 4 'Structure model' struct_site           
7 5 'Structure model' chem_comp_atom        
8 5 'Structure model' chem_comp_bond        
# 
loop_
_pdbx_audit_revision_item.ordinal 
_pdbx_audit_revision_item.revision_ordinal 
_pdbx_audit_revision_item.data_content_type 
_pdbx_audit_revision_item.item 
1  4 'Structure model' '_database_2.pdbx_DOI'                
2  4 'Structure model' '_database_2.pdbx_database_accession' 
3  4 'Structure model' '_pdbx_nmr_software.name'             
4  4 'Structure model' '_struct_conn.pdbx_leaving_atom_flag' 
5  4 'Structure model' '_struct_conn.ptnr1_auth_comp_id'     
6  4 'Structure model' '_struct_conn.ptnr1_auth_seq_id'      
7  4 'Structure model' '_struct_conn.ptnr1_label_asym_id'    
8  4 'Structure model' '_struct_conn.ptnr1_label_atom_id'    
9  4 'Structure model' '_struct_conn.ptnr1_label_comp_id'    
10 4 'Structure model' '_struct_conn.ptnr1_label_seq_id'     
11 4 'Structure model' '_struct_conn.ptnr2_auth_comp_id'     
12 4 'Structure model' '_struct_conn.ptnr2_auth_seq_id'      
13 4 'Structure model' '_struct_conn.ptnr2_label_asym_id'    
14 4 'Structure model' '_struct_conn.ptnr2_label_atom_id'    
15 4 'Structure model' '_struct_conn.ptnr2_label_comp_id'    
16 4 'Structure model' '_struct_conn.ptnr2_label_seq_id'     
17 4 'Structure model' '_struct_site.pdbx_auth_asym_id'      
18 4 'Structure model' '_struct_site.pdbx_auth_comp_id'      
19 4 'Structure model' '_struct_site.pdbx_auth_seq_id'       
# 
_pdbx_database_status.status_code                     REL 
_pdbx_database_status.entry_id                        1JO1 
_pdbx_database_status.recvd_initial_deposition_date   2001-07-26 
_pdbx_database_status.deposit_site                    RCSB 
_pdbx_database_status.process_site                    RCSB 
_pdbx_database_status.status_code_mr                  REL 
_pdbx_database_status.SG_entry                        . 
_pdbx_database_status.pdb_format_compatible           Y 
_pdbx_database_status.status_code_sf                  ? 
_pdbx_database_status.status_code_cs                  ? 
_pdbx_database_status.status_code_nmr_data            ? 
_pdbx_database_status.methods_development_category    ? 
# 
loop_
_audit_author.name 
_audit_author.pdbx_ordinal 
'Subramaniam, G.' 1 
'Paz, M.M.'       2 
'Kumar, G.S.'     3 
'Das, A.'         4 
'Palom, Y.'       5 
'Clement, C.C.'   6 
'Patel, D.J.'     7 
'Tomasz, M.'      8 
# 
_citation.id                        primary 
_citation.title                     
;Solution structure of a guanine-N7-linked complex of the mitomycin C metabolite 2,7-diaminomitosene and DNA. Basis of sequence selectivity.
;
_citation.journal_abbrev            Biochemistry 
_citation.journal_volume            40 
_citation.page_first                10473 
_citation.page_last                 10484 
_citation.year                      2001 
_citation.journal_id_ASTM           BICHAW 
_citation.country                   US 
_citation.journal_id_ISSN           0006-2960 
_citation.journal_id_CSD            0033 
_citation.book_publisher            ? 
_citation.pdbx_database_id_PubMed   11523988 
_citation.pdbx_database_id_DOI      10.1021/bi010965a 
# 
loop_
_citation_author.citation_id 
_citation_author.name 
_citation_author.ordinal 
_citation_author.identifier_ORCID 
primary 'Subramaniam, G.'  1 ? 
primary 'Paz, M.M.'        2 ? 
primary 'Suresh Kumar, G.' 3 ? 
primary 'Das, A.'          4 ? 
primary 'Palom, Y.'        5 ? 
primary 'Clement, C.C.'    6 ? 
primary 'Patel, D.J.'      7 ? 
primary 'Tomasz, M.'       8 ? 
# 
loop_
_entity.id 
_entity.type 
_entity.src_method 
_entity.pdbx_description 
_entity.formula_weight 
_entity.pdbx_number_of_molecules 
_entity.pdbx_ec 
_entity.pdbx_mutation 
_entity.pdbx_fragment 
_entity.details 
1 polymer     syn "5'-D(*GP*TP*GP*(DAJ)GP*TP*AP*TP*AP*CP*CP*AP*C)-3'" 3662.404 2 ? ? ? ? 
2 non-polymer syn DECARBAMOYL-2,7-DIAMINOMITOSENE                     246.285  2 ? ? ? ? 
# 
_entity_poly.entity_id                      1 
_entity_poly.type                           polydeoxyribonucleotide 
_entity_poly.nstd_linkage                   no 
_entity_poly.nstd_monomer                   no 
_entity_poly.pdbx_seq_one_letter_code       '(DG)(DT)(DG)(DG)(DT)(DA)(DT)(DA)(DC)(DC)(DA)(DC)' 
_entity_poly.pdbx_seq_one_letter_code_can   GTGGTATACCAC 
_entity_poly.pdbx_strand_id                 A,B 
_entity_poly.pdbx_target_identifier         ? 
# 
_pdbx_entity_nonpoly.entity_id   2 
_pdbx_entity_nonpoly.name        DECARBAMOYL-2,7-DIAMINOMITOSENE 
_pdbx_entity_nonpoly.comp_id     DAJ 
# 
loop_
_entity_poly_seq.entity_id 
_entity_poly_seq.num 
_entity_poly_seq.mon_id 
_entity_poly_seq.hetero 
1 1  DG n 
1 2  DT n 
1 3  DG n 
1 4  DG n 
1 5  DT n 
1 6  DA n 
1 7  DT n 
1 8  DA n 
1 9  DC n 
1 10 DC n 
1 11 DA n 
1 12 DC n 
# 
_pdbx_entity_src_syn.entity_id              1 
_pdbx_entity_src_syn.pdbx_src_id            1 
_pdbx_entity_src_syn.pdbx_alt_source_flag   sample 
_pdbx_entity_src_syn.pdbx_beg_seq_num       ? 
_pdbx_entity_src_syn.pdbx_end_seq_num       ? 
_pdbx_entity_src_syn.organism_scientific    ? 
_pdbx_entity_src_syn.organism_common_name   ? 
_pdbx_entity_src_syn.ncbi_taxonomy_id       ? 
_pdbx_entity_src_syn.details                'synthesized using ABI-380B synthesizer' 
# 
loop_
_chem_comp.id 
_chem_comp.type 
_chem_comp.mon_nstd_flag 
_chem_comp.name 
_chem_comp.pdbx_synonyms 
_chem_comp.formula 
_chem_comp.formula_weight 
DA  'DNA linking' y "2'-DEOXYADENOSINE-5'-MONOPHOSPHATE" ? 'C10 H14 N5 O6 P' 331.222 
DAJ non-polymer   . DECARBAMOYL-2,7-DIAMINOMITOSENE      ? 'C13 H16 N3 O2 1' 246.285 
DC  'DNA linking' y "2'-DEOXYCYTIDINE-5'-MONOPHOSPHATE"  ? 'C9 H14 N3 O7 P'  307.197 
DG  'DNA linking' y "2'-DEOXYGUANOSINE-5'-MONOPHOSPHATE" ? 'C10 H14 N5 O7 P' 347.221 
DT  'DNA linking' y "THYMIDINE-5'-MONOPHOSPHATE"         ? 'C10 H15 N2 O8 P' 322.208 
# 
loop_
_pdbx_poly_seq_scheme.asym_id 
_pdbx_poly_seq_scheme.entity_id 
_pdbx_poly_seq_scheme.seq_id 
_pdbx_poly_seq_scheme.mon_id 
_pdbx_poly_seq_scheme.ndb_seq_num 
_pdbx_poly_seq_scheme.pdb_seq_num 
_pdbx_poly_seq_scheme.auth_seq_num 
_pdbx_poly_seq_scheme.pdb_mon_id 
_pdbx_poly_seq_scheme.auth_mon_id 
_pdbx_poly_seq_scheme.pdb_strand_id 
_pdbx_poly_seq_scheme.pdb_ins_code 
_pdbx_poly_seq_scheme.hetero 
A 1 1  DG 1  1  1  DG G  A . n 
A 1 2  DT 2  2  2  DT T  A . n 
A 1 3  DG 3  3  3  DG G  A . n 
A 1 4  DG 4  4  4  DG +G A . n 
A 1 5  DT 5  5  5  DT T  A . n 
A 1 6  DA 6  6  6  DA A  A . n 
A 1 7  DT 7  7  7  DT T  A . n 
A 1 8  DA 8  8  8  DA A  A . n 
A 1 9  DC 9  9  9  DC C  A . n 
A 1 10 DC 10 10 10 DC C  A . n 
A 1 11 DA 11 11 11 DA A  A . n 
A 1 12 DC 12 12 12 DC C  A . n 
B 1 1  DG 1  1  1  DG G  B . n 
B 1 2  DT 2  2  2  DT T  B . n 
B 1 3  DG 3  3  3  DG G  B . n 
B 1 4  DG 4  4  4  DG +G B . n 
B 1 5  DT 5  5  5  DT T  B . n 
B 1 6  DA 6  6  6  DA A  B . n 
B 1 7  DT 7  7  7  DT T  B . n 
B 1 8  DA 8  8  8  DA A  B . n 
B 1 9  DC 9  9  9  DC C  B . n 
B 1 10 DC 10 10 10 DC C  B . n 
B 1 11 DA 11 11 11 DA A  B . n 
B 1 12 DC 12 12 12 DC C  B . n 
# 
loop_
_pdbx_nonpoly_scheme.asym_id 
_pdbx_nonpoly_scheme.entity_id 
_pdbx_nonpoly_scheme.mon_id 
_pdbx_nonpoly_scheme.ndb_seq_num 
_pdbx_nonpoly_scheme.pdb_seq_num 
_pdbx_nonpoly_scheme.auth_seq_num 
_pdbx_nonpoly_scheme.pdb_mon_id 
_pdbx_nonpoly_scheme.auth_mon_id 
_pdbx_nonpoly_scheme.pdb_strand_id 
_pdbx_nonpoly_scheme.pdb_ins_code 
C 2 DAJ 1 13 13 DAJ DAM A . 
D 2 DAJ 1 13 13 DAJ DAM B . 
# 
_cell.entry_id           1JO1 
_cell.length_a           ? 
_cell.length_b           ? 
_cell.length_c           ? 
_cell.angle_alpha        ? 
_cell.angle_beta         ? 
_cell.angle_gamma        ? 
_cell.Z_PDB              1 
_cell.pdbx_unique_axis   ? 
# 
_exptl.entry_id          1JO1 
_exptl.method            'SOLUTION NMR' 
_exptl.crystals_number   ? 
# 
_exptl_crystal.id                    1 
_exptl_crystal.density_meas          ? 
_exptl_crystal.density_Matthews      ? 
_exptl_crystal.density_percent_sol   ? 
_exptl_crystal.description           ? 
# 
_diffrn.id                     1 
_diffrn.crystal_id             1 
_diffrn.ambient_temp           ? 
_diffrn.ambient_temp_details   ? 
# 
_diffrn_radiation.diffrn_id                        1 
_diffrn_radiation.wavelength_id                    1 
_diffrn_radiation.pdbx_monochromatic_or_laue_m_l   M 
_diffrn_radiation.monochromator                    ? 
_diffrn_radiation.pdbx_diffrn_protocol             'SINGLE WAVELENGTH' 
_diffrn_radiation.pdbx_scattering_type             ? 
# 
_diffrn_radiation_wavelength.id           1 
_diffrn_radiation_wavelength.wavelength   . 
_diffrn_radiation_wavelength.wt           1.0 
# 
_struct.entry_id                  1JO1 
_struct.title                     'N7-Guanine Adduct of 2,7-diaminomitosene with DNA' 
_struct.pdbx_model_details        ? 
_struct.pdbx_CASP_flag            ? 
_struct.pdbx_model_type_details   ? 
# 
_struct_keywords.entry_id        1JO1 
_struct_keywords.pdbx_keywords   DNA 
_struct_keywords.text            'double helix, major groove binding drug, guanine-N7-alkylator, DNA' 
# 
loop_
_struct_asym.id 
_struct_asym.pdbx_blank_PDB_chainid_flag 
_struct_asym.pdbx_modified 
_struct_asym.entity_id 
_struct_asym.details 
A N N 1 ? 
B N N 1 ? 
C N N 2 ? 
D N N 2 ? 
# 
_struct_ref.id                         1 
_struct_ref.entity_id                  1 
_struct_ref.db_name                    PDB 
_struct_ref.db_code                    1JO1 
_struct_ref.pdbx_db_accession          1JO1 
_struct_ref.pdbx_db_isoform            ? 
_struct_ref.pdbx_seq_one_letter_code   ? 
_struct_ref.pdbx_align_begin           ? 
# 
loop_
_struct_ref_seq.align_id 
_struct_ref_seq.ref_id 
_struct_ref_seq.pdbx_PDB_id_code 
_struct_ref_seq.pdbx_strand_id 
_struct_ref_seq.seq_align_beg 
_struct_ref_seq.pdbx_seq_align_beg_ins_code 
_struct_ref_seq.seq_align_end 
_struct_ref_seq.pdbx_seq_align_end_ins_code 
_struct_ref_seq.pdbx_db_accession 
_struct_ref_seq.db_align_beg 
_struct_ref_seq.pdbx_db_align_beg_ins_code 
_struct_ref_seq.db_align_end 
_struct_ref_seq.pdbx_db_align_end_ins_code 
_struct_ref_seq.pdbx_auth_seq_align_beg 
_struct_ref_seq.pdbx_auth_seq_align_end 
1 1 1JO1 A 1 ? 12 ? 1JO1 1 ? 12 ? 1 12 
2 1 1JO1 B 1 ? 12 ? 1JO1 1 ? 12 ? 1 12 
# 
_pdbx_struct_assembly.id                   1 
_pdbx_struct_assembly.details              author_defined_assembly 
_pdbx_struct_assembly.method_details       ? 
_pdbx_struct_assembly.oligomeric_details   dimeric 
_pdbx_struct_assembly.oligomeric_count     2 
# 
_pdbx_struct_assembly_gen.assembly_id       1 
_pdbx_struct_assembly_gen.oper_expression   1 
_pdbx_struct_assembly_gen.asym_id_list      A,B,C,D 
# 
_pdbx_struct_oper_list.id                   1 
_pdbx_struct_oper_list.type                 'identity operation' 
_pdbx_struct_oper_list.name                 1_555 
_pdbx_struct_oper_list.symmetry_operation   x,y,z 
_pdbx_struct_oper_list.matrix[1][1]         1.0000000000 
_pdbx_struct_oper_list.matrix[1][2]         0.0000000000 
_pdbx_struct_oper_list.matrix[1][3]         0.0000000000 
_pdbx_struct_oper_list.vector[1]            0.0000000000 
_pdbx_struct_oper_list.matrix[2][1]         0.0000000000 
_pdbx_struct_oper_list.matrix[2][2]         1.0000000000 
_pdbx_struct_oper_list.matrix[2][3]         0.0000000000 
_pdbx_struct_oper_list.vector[2]            0.0000000000 
_pdbx_struct_oper_list.matrix[3][1]         0.0000000000 
_pdbx_struct_oper_list.matrix[3][2]         0.0000000000 
_pdbx_struct_oper_list.matrix[3][3]         1.0000000000 
_pdbx_struct_oper_list.vector[3]            0.0000000000 
# 
_struct_biol.id   1 
# 
loop_
_struct_conn.id 
_struct_conn.conn_type_id 
_struct_conn.pdbx_leaving_atom_flag 
_struct_conn.pdbx_PDB_id 
_struct_conn.ptnr1_label_asym_id 
_struct_conn.ptnr1_label_comp_id 
_struct_conn.ptnr1_label_seq_id 
_struct_conn.ptnr1_label_atom_id 
_struct_conn.pdbx_ptnr1_label_alt_id 
_struct_conn.pdbx_ptnr1_PDB_ins_code 
_struct_conn.pdbx_ptnr1_standard_comp_id 
_struct_conn.ptnr1_symmetry 
_struct_conn.ptnr2_label_asym_id 
_struct_conn.ptnr2_label_comp_id 
_struct_conn.ptnr2_label_seq_id 
_struct_conn.ptnr2_label_atom_id 
_struct_conn.pdbx_ptnr2_label_alt_id 
_struct_conn.pdbx_ptnr2_PDB_ins_code 
_struct_conn.ptnr1_auth_asym_id 
_struct_conn.ptnr1_auth_comp_id 
_struct_conn.ptnr1_auth_seq_id 
_struct_conn.ptnr2_auth_asym_id 
_struct_conn.ptnr2_auth_comp_id 
_struct_conn.ptnr2_auth_seq_id 
_struct_conn.ptnr2_symmetry 
_struct_conn.pdbx_ptnr3_label_atom_id 
_struct_conn.pdbx_ptnr3_label_seq_id 
_struct_conn.pdbx_ptnr3_label_comp_id 
_struct_conn.pdbx_ptnr3_label_asym_id 
_struct_conn.pdbx_ptnr3_label_alt_id 
_struct_conn.pdbx_ptnr3_PDB_ins_code 
_struct_conn.details 
_struct_conn.pdbx_dist_value 
_struct_conn.pdbx_value_order 
_struct_conn.pdbx_role 
covale1  covale none ? A DG 4  N7 ? ? ? 1_555 C DAJ .  C10 ? ? A DG 4  A DAJ 13 1_555 ? ? ? ? ? ? ?            1.503 ? ? 
covale2  covale none ? B DG 4  N7 ? ? ? 1_555 D DAJ .  C10 ? ? B DG 4  B DAJ 13 1_555 ? ? ? ? ? ? ?            1.504 ? ? 
hydrog1  hydrog ?    ? A DG 1  N1 ? ? ? 1_555 B DC  12 N3  ? ? A DG 1  B DC  12 1_555 ? ? ? ? ? ? WATSON-CRICK ?     ? ? 
hydrog2  hydrog ?    ? A DG 1  N2 ? ? ? 1_555 B DC  12 O2  ? ? A DG 1  B DC  12 1_555 ? ? ? ? ? ? WATSON-CRICK ?     ? ? 
hydrog3  hydrog ?    ? A DG 1  O6 ? ? ? 1_555 B DC  12 N4  ? ? A DG 1  B DC  12 1_555 ? ? ? ? ? ? WATSON-CRICK ?     ? ? 
hydrog4  hydrog ?    ? A DT 2  N3 ? ? ? 1_555 B DA  11 N1  ? ? A DT 2  B DA  11 1_555 ? ? ? ? ? ? WATSON-CRICK ?     ? ? 
hydrog5  hydrog ?    ? A DT 2  O4 ? ? ? 1_555 B DA  11 N6  ? ? A DT 2  B DA  11 1_555 ? ? ? ? ? ? WATSON-CRICK ?     ? ? 
hydrog6  hydrog ?    ? A DG 3  N1 ? ? ? 1_555 B DC  10 N3  ? ? A DG 3  B DC  10 1_555 ? ? ? ? ? ? WATSON-CRICK ?     ? ? 
hydrog7  hydrog ?    ? A DG 3  N2 ? ? ? 1_555 B DC  10 O2  ? ? A DG 3  B DC  10 1_555 ? ? ? ? ? ? WATSON-CRICK ?     ? ? 
hydrog8  hydrog ?    ? A DG 3  O6 ? ? ? 1_555 B DC  10 N4  ? ? A DG 3  B DC  10 1_555 ? ? ? ? ? ? WATSON-CRICK ?     ? ? 
hydrog9  hydrog ?    ? A DG 4  N1 ? ? ? 1_555 B DC  9  N3  ? ? A DG 4  B DC  9  1_555 ? ? ? ? ? ? WATSON-CRICK ?     ? ? 
hydrog10 hydrog ?    ? A DG 4  N2 ? ? ? 1_555 B DC  9  O2  ? ? A DG 4  B DC  9  1_555 ? ? ? ? ? ? WATSON-CRICK ?     ? ? 
hydrog11 hydrog ?    ? A DG 4  O6 ? ? ? 1_555 B DC  9  N4  ? ? A DG 4  B DC  9  1_555 ? ? ? ? ? ? WATSON-CRICK ?     ? ? 
hydrog12 hydrog ?    ? A DT 5  N3 ? ? ? 1_555 B DA  8  N1  ? ? A DT 5  B DA  8  1_555 ? ? ? ? ? ? WATSON-CRICK ?     ? ? 
hydrog13 hydrog ?    ? A DT 5  O4 ? ? ? 1_555 B DA  8  N6  ? ? A DT 5  B DA  8  1_555 ? ? ? ? ? ? WATSON-CRICK ?     ? ? 
hydrog14 hydrog ?    ? A DA 6  N1 ? ? ? 1_555 B DT  7  N3  ? ? A DA 6  B DT  7  1_555 ? ? ? ? ? ? WATSON-CRICK ?     ? ? 
hydrog15 hydrog ?    ? A DA 6  N6 ? ? ? 1_555 B DT  7  O4  ? ? A DA 6  B DT  7  1_555 ? ? ? ? ? ? WATSON-CRICK ?     ? ? 
hydrog16 hydrog ?    ? A DT 7  N3 ? ? ? 1_555 B DA  6  N1  ? ? A DT 7  B DA  6  1_555 ? ? ? ? ? ? WATSON-CRICK ?     ? ? 
hydrog17 hydrog ?    ? A DT 7  O4 ? ? ? 1_555 B DA  6  N6  ? ? A DT 7  B DA  6  1_555 ? ? ? ? ? ? WATSON-CRICK ?     ? ? 
hydrog18 hydrog ?    ? A DA 8  N1 ? ? ? 1_555 B DT  5  N3  ? ? A DA 8  B DT  5  1_555 ? ? ? ? ? ? WATSON-CRICK ?     ? ? 
hydrog19 hydrog ?    ? A DA 8  N6 ? ? ? 1_555 B DT  5  O4  ? ? A DA 8  B DT  5  1_555 ? ? ? ? ? ? WATSON-CRICK ?     ? ? 
hydrog20 hydrog ?    ? A DC 9  N3 ? ? ? 1_555 B DG  4  N1  ? ? A DC 9  B DG  4  1_555 ? ? ? ? ? ? WATSON-CRICK ?     ? ? 
hydrog21 hydrog ?    ? A DC 9  N4 ? ? ? 1_555 B DG  4  O6  ? ? A DC 9  B DG  4  1_555 ? ? ? ? ? ? WATSON-CRICK ?     ? ? 
hydrog22 hydrog ?    ? A DC 9  O2 ? ? ? 1_555 B DG  4  N2  ? ? A DC 9  B DG  4  1_555 ? ? ? ? ? ? WATSON-CRICK ?     ? ? 
hydrog23 hydrog ?    ? A DC 10 N3 ? ? ? 1_555 B DG  3  N1  ? ? A DC 10 B DG  3  1_555 ? ? ? ? ? ? WATSON-CRICK ?     ? ? 
hydrog24 hydrog ?    ? A DC 10 N4 ? ? ? 1_555 B DG  3  O6  ? ? A DC 10 B DG  3  1_555 ? ? ? ? ? ? WATSON-CRICK ?     ? ? 
hydrog25 hydrog ?    ? A DC 10 O2 ? ? ? 1_555 B DG  3  N2  ? ? A DC 10 B DG  3  1_555 ? ? ? ? ? ? WATSON-CRICK ?     ? ? 
hydrog26 hydrog ?    ? A DA 11 N1 ? ? ? 1_555 B DT  2  N3  ? ? A DA 11 B DT  2  1_555 ? ? ? ? ? ? WATSON-CRICK ?     ? ? 
hydrog27 hydrog ?    ? A DA 11 N6 ? ? ? 1_555 B DT  2  O4  ? ? A DA 11 B DT  2  1_555 ? ? ? ? ? ? WATSON-CRICK ?     ? ? 
hydrog28 hydrog ?    ? A DC 12 N3 ? ? ? 1_555 B DG  1  N1  ? ? A DC 12 B DG  1  1_555 ? ? ? ? ? ? WATSON-CRICK ?     ? ? 
hydrog29 hydrog ?    ? A DC 12 N4 ? ? ? 1_555 B DG  1  O6  ? ? A DC 12 B DG  1  1_555 ? ? ? ? ? ? WATSON-CRICK ?     ? ? 
hydrog30 hydrog ?    ? A DC 12 O2 ? ? ? 1_555 B DG  1  N2  ? ? A DC 12 B DG  1  1_555 ? ? ? ? ? ? WATSON-CRICK ?     ? ? 
# 
loop_
_struct_conn_type.id 
_struct_conn_type.criteria 
_struct_conn_type.reference 
covale ? ? 
hydrog ? ? 
# 
loop_
_struct_site.id 
_struct_site.pdbx_evidence_code 
_struct_site.pdbx_auth_asym_id 
_struct_site.pdbx_auth_comp_id 
_struct_site.pdbx_auth_seq_id 
_struct_site.pdbx_auth_ins_code 
_struct_site.pdbx_num_residues 
_struct_site.details 
AC1 Software A DAJ 13 ? 6 'BINDING SITE FOR RESIDUE DAJ A 13' 
AC2 Software B DAJ 13 ? 6 'BINDING SITE FOR RESIDUE DAJ B 13' 
# 
loop_
_struct_site_gen.id 
_struct_site_gen.site_id 
_struct_site_gen.pdbx_num_res 
_struct_site_gen.label_comp_id 
_struct_site_gen.label_asym_id 
_struct_site_gen.label_seq_id 
_struct_site_gen.pdbx_auth_ins_code 
_struct_site_gen.auth_comp_id 
_struct_site_gen.auth_asym_id 
_struct_site_gen.auth_seq_id 
_struct_site_gen.label_atom_id 
_struct_site_gen.label_alt_id 
_struct_site_gen.symmetry 
_struct_site_gen.details 
1  AC1 6 DG A 3 ? DG A 3 . ? 1_555 ? 
2  AC1 6 DG A 4 ? DG A 4 . ? 1_555 ? 
3  AC1 6 DT A 5 ? DT A 5 . ? 1_555 ? 
4  AC1 6 DA A 6 ? DA A 6 . ? 1_555 ? 
5  AC1 6 DA B 6 ? DA B 6 . ? 1_555 ? 
6  AC1 6 DT B 7 ? DT B 7 . ? 1_555 ? 
7  AC2 6 DA A 6 ? DA A 6 . ? 1_555 ? 
8  AC2 6 DT A 7 ? DT A 7 . ? 1_555 ? 
9  AC2 6 DG B 3 ? DG B 3 . ? 1_555 ? 
10 AC2 6 DG B 4 ? DG B 4 . ? 1_555 ? 
11 AC2 6 DT B 5 ? DT B 5 . ? 1_555 ? 
12 AC2 6 DA B 6 ? DA B 6 . ? 1_555 ? 
# 
loop_
_pdbx_validate_close_contact.id 
_pdbx_validate_close_contact.PDB_model_num 
_pdbx_validate_close_contact.auth_atom_id_1 
_pdbx_validate_close_contact.auth_asym_id_1 
_pdbx_validate_close_contact.auth_comp_id_1 
_pdbx_validate_close_contact.auth_seq_id_1 
_pdbx_validate_close_contact.PDB_ins_code_1 
_pdbx_validate_close_contact.label_alt_id_1 
_pdbx_validate_close_contact.auth_atom_id_2 
_pdbx_validate_close_contact.auth_asym_id_2 
_pdbx_validate_close_contact.auth_comp_id_2 
_pdbx_validate_close_contact.auth_seq_id_2 
_pdbx_validate_close_contact.PDB_ins_code_2 
_pdbx_validate_close_contact.label_alt_id_2 
_pdbx_validate_close_contact.dist 
1 1 O4 B DT 7 ? ? HN1 A DAJ 13 ? ? 1.48 
2 1 O4 A DT 7 ? ? HN1 B DAJ 13 ? ? 1.48 
# 
loop_
_pdbx_validate_rmsd_bond.id 
_pdbx_validate_rmsd_bond.PDB_model_num 
_pdbx_validate_rmsd_bond.auth_atom_id_1 
_pdbx_validate_rmsd_bond.auth_asym_id_1 
_pdbx_validate_rmsd_bond.auth_comp_id_1 
_pdbx_validate_rmsd_bond.auth_seq_id_1 
_pdbx_validate_rmsd_bond.PDB_ins_code_1 
_pdbx_validate_rmsd_bond.label_alt_id_1 
_pdbx_validate_rmsd_bond.auth_atom_id_2 
_pdbx_validate_rmsd_bond.auth_asym_id_2 
_pdbx_validate_rmsd_bond.auth_comp_id_2 
_pdbx_validate_rmsd_bond.auth_seq_id_2 
_pdbx_validate_rmsd_bond.PDB_ins_code_2 
_pdbx_validate_rmsd_bond.label_alt_id_2 
_pdbx_validate_rmsd_bond.bond_value 
_pdbx_validate_rmsd_bond.bond_target_value 
_pdbx_validate_rmsd_bond.bond_deviation 
_pdbx_validate_rmsd_bond.bond_standard_deviation 
_pdbx_validate_rmsd_bond.linker_flag 
1 1 C5 A DT 2 ? ? C7 A DT 2 ? ? 1.537 1.496 0.041 0.006 N 
2 1 N7 A DG 4 ? ? C8 A DG 4 ? ? 1.373 1.305 0.068 0.006 N 
3 1 C5 A DT 5 ? ? C7 A DT 5 ? ? 1.547 1.496 0.051 0.006 N 
4 1 C5 A DT 7 ? ? C7 A DT 7 ? ? 1.534 1.496 0.038 0.006 N 
5 1 C5 B DT 2 ? ? C7 B DT 2 ? ? 1.537 1.496 0.041 0.006 N 
6 1 N7 B DG 4 ? ? C8 B DG 4 ? ? 1.373 1.305 0.068 0.006 N 
7 1 C5 B DT 5 ? ? C7 B DT 5 ? ? 1.547 1.496 0.051 0.006 N 
8 1 C5 B DT 7 ? ? C7 B DT 7 ? ? 1.533 1.496 0.037 0.006 N 
# 
loop_
_pdbx_validate_rmsd_angle.id 
_pdbx_validate_rmsd_angle.PDB_model_num 
_pdbx_validate_rmsd_angle.auth_atom_id_1 
_pdbx_validate_rmsd_angle.auth_asym_id_1 
_pdbx_validate_rmsd_angle.auth_comp_id_1 
_pdbx_validate_rmsd_angle.auth_seq_id_1 
_pdbx_validate_rmsd_angle.PDB_ins_code_1 
_pdbx_validate_rmsd_angle.label_alt_id_1 
_pdbx_validate_rmsd_angle.auth_atom_id_2 
_pdbx_validate_rmsd_angle.auth_asym_id_2 
_pdbx_validate_rmsd_angle.auth_comp_id_2 
_pdbx_validate_rmsd_angle.auth_seq_id_2 
_pdbx_validate_rmsd_angle.PDB_ins_code_2 
_pdbx_validate_rmsd_angle.label_alt_id_2 
_pdbx_validate_rmsd_angle.auth_atom_id_3 
_pdbx_validate_rmsd_angle.auth_asym_id_3 
_pdbx_validate_rmsd_angle.auth_comp_id_3 
_pdbx_validate_rmsd_angle.auth_seq_id_3 
_pdbx_validate_rmsd_angle.PDB_ins_code_3 
_pdbx_validate_rmsd_angle.label_alt_id_3 
_pdbx_validate_rmsd_angle.angle_value 
_pdbx_validate_rmsd_angle.angle_target_value 
_pdbx_validate_rmsd_angle.angle_deviation 
_pdbx_validate_rmsd_angle.angle_standard_deviation 
_pdbx_validate_rmsd_angle.linker_flag 
1  1 "O4'" A DG 1  ? ? "C1'" A DG 1  ? ? N9    A DG 1  ? ? 112.29 108.30 3.99  0.30 N 
2  1 N7    A DG 1  ? ? C8    A DG 1  ? ? N9    A DG 1  ? ? 116.91 113.10 3.81  0.50 N 
3  1 "O4'" A DT 2  ? ? "C1'" A DT 2  ? ? N1    A DT 2  ? ? 111.65 108.30 3.35  0.30 N 
4  1 "O4'" A DG 3  ? ? "C1'" A DG 3  ? ? N9    A DG 3  ? ? 115.59 108.30 7.29  0.30 N 
5  1 "C4'" A DG 4  ? ? "C3'" A DG 4  ? ? "C2'" A DG 4  ? ? 97.47  102.20 -4.73 0.70 N 
6  1 "O4'" A DG 4  ? ? "C1'" A DG 4  ? ? N9    A DG 4  ? ? 113.52 108.30 5.22  0.30 N 
7  1 N9    A DG 4  ? ? C4    A DG 4  ? ? C5    A DG 4  ? ? 108.21 105.40 2.81  0.40 N 
8  1 C4    A DT 5  ? ? C5    A DT 5  ? ? C7    A DT 5  ? ? 124.51 119.00 5.51  0.60 N 
9  1 C6    A DT 5  ? ? C5    A DT 5  ? ? C7    A DT 5  ? ? 116.09 122.90 -6.81 0.60 N 
10 1 "O4'" A DA 6  ? ? "C1'" A DA 6  ? ? N9    A DA 6  ? ? 110.95 108.30 2.65  0.30 N 
11 1 "O4'" A DC 9  ? ? "C1'" A DC 9  ? ? "C2'" A DC 9  ? ? 99.14  105.90 -6.76 0.80 N 
12 1 "O4'" A DC 9  ? ? "C1'" A DC 9  ? ? N1    A DC 9  ? ? 114.73 108.30 6.43  0.30 N 
13 1 N1    A DC 9  ? ? C2    A DC 9  ? ? O2    A DC 9  ? ? 122.70 118.90 3.80  0.60 N 
14 1 "O4'" A DC 10 ? ? "C1'" A DC 10 ? ? N1    A DC 10 ? ? 110.37 108.30 2.07  0.30 N 
15 1 N1    A DC 10 ? ? C2    A DC 10 ? ? O2    A DC 10 ? ? 122.50 118.90 3.60  0.60 N 
16 1 "O4'" A DC 12 ? ? "C1'" A DC 12 ? ? N1    A DC 12 ? ? 111.67 108.30 3.37  0.30 N 
17 1 "O4'" B DG 1  ? ? "C1'" B DG 1  ? ? N9    B DG 1  ? ? 112.32 108.30 4.02  0.30 N 
18 1 N7    B DG 1  ? ? C8    B DG 1  ? ? N9    B DG 1  ? ? 116.90 113.10 3.80  0.50 N 
19 1 "O4'" B DT 2  ? ? "C1'" B DT 2  ? ? N1    B DT 2  ? ? 111.60 108.30 3.30  0.30 N 
20 1 "O4'" B DG 3  ? ? "C1'" B DG 3  ? ? N9    B DG 3  ? ? 115.57 108.30 7.27  0.30 N 
21 1 "C4'" B DG 4  ? ? "C3'" B DG 4  ? ? "C2'" B DG 4  ? ? 97.45  102.20 -4.75 0.70 N 
22 1 "O4'" B DG 4  ? ? "C1'" B DG 4  ? ? N9    B DG 4  ? ? 113.58 108.30 5.28  0.30 N 
23 1 N9    B DG 4  ? ? C4    B DG 4  ? ? C5    B DG 4  ? ? 108.27 105.40 2.87  0.40 N 
24 1 C4    B DT 5  ? ? C5    B DT 5  ? ? C7    B DT 5  ? ? 124.57 119.00 5.57  0.60 N 
25 1 C6    B DT 5  ? ? C5    B DT 5  ? ? C7    B DT 5  ? ? 116.06 122.90 -6.84 0.60 N 
26 1 "O4'" B DA 6  ? ? "C1'" B DA 6  ? ? N9    B DA 6  ? ? 110.99 108.30 2.69  0.30 N 
27 1 N3    B DT 7  ? ? C2    B DT 7  ? ? O2    B DT 7  ? ? 118.67 122.30 -3.63 0.60 N 
28 1 "O4'" B DC 9  ? ? "C1'" B DC 9  ? ? "C2'" B DC 9  ? ? 99.17  105.90 -6.73 0.80 N 
29 1 "O4'" B DC 9  ? ? "C1'" B DC 9  ? ? N1    B DC 9  ? ? 114.67 108.30 6.37  0.30 N 
30 1 N1    B DC 9  ? ? C2    B DC 9  ? ? O2    B DC 9  ? ? 122.68 118.90 3.78  0.60 N 
31 1 "O4'" B DC 10 ? ? "C1'" B DC 10 ? ? N1    B DC 10 ? ? 110.37 108.30 2.07  0.30 N 
32 1 N1    B DC 10 ? ? C2    B DC 10 ? ? O2    B DC 10 ? ? 122.50 118.90 3.60  0.60 N 
33 1 "O4'" B DC 12 ? ? "C1'" B DC 12 ? ? N1    B DC 12 ? ? 111.73 108.30 3.43  0.30 N 
# 
_pdbx_nmr_ensemble.entry_id                                      1JO1 
_pdbx_nmr_ensemble.conformers_calculated_total_number            12 
_pdbx_nmr_ensemble.conformers_submitted_total_number             1 
_pdbx_nmr_ensemble.conformer_selection_criteria                  'lowest number of NOE violations' 
_pdbx_nmr_ensemble.average_constraints_per_residue               ? 
_pdbx_nmr_ensemble.average_constraint_violations_per_residue     ? 
_pdbx_nmr_ensemble.maximum_distance_constraint_violation         ? 
_pdbx_nmr_ensemble.average_distance_constraint_violation         ? 
_pdbx_nmr_ensemble.maximum_upper_distance_constraint_violation   ? 
_pdbx_nmr_ensemble.maximum_lower_distance_constraint_violation   ? 
_pdbx_nmr_ensemble.distance_constraint_violation_method          ? 
_pdbx_nmr_ensemble.maximum_torsion_angle_constraint_violation    ? 
_pdbx_nmr_ensemble.average_torsion_angle_constraint_violation    ? 
_pdbx_nmr_ensemble.torsion_angle_constraint_violation_method     ? 
# 
loop_
_pdbx_nmr_sample_details.solution_id 
_pdbx_nmr_sample_details.contents 
_pdbx_nmr_sample_details.solvent_system 
1 '1.2 mM d(GTG(+G)TATACCAC) duplex in 0.01 M sodium phosphate, 0.1 M NaCl, 0.001M EDTA' '90% H2O/10% D2O' 
2 '1.2 mM d(GTG(+G)TATACCAC) duplex in 0.01 M sodium phosphate, 0.1 M NaCl, 0.001M EDTA' '100% D2O'        
# 
loop_
_pdbx_nmr_exptl_sample_conditions.conditions_id 
_pdbx_nmr_exptl_sample_conditions.temperature 
_pdbx_nmr_exptl_sample_conditions.pressure 
_pdbx_nmr_exptl_sample_conditions.pH 
_pdbx_nmr_exptl_sample_conditions.ionic_strength 
_pdbx_nmr_exptl_sample_conditions.pressure_units 
_pdbx_nmr_exptl_sample_conditions.temperature_units 
1 278 ambient 6.8 '0.1 M NaCl' ? K 
2 303 ambient 6.8 '0.1 M NaCl' ? K 
# 
loop_
_pdbx_nmr_exptl.experiment_id 
_pdbx_nmr_exptl.solution_id 
_pdbx_nmr_exptl.conditions_id 
_pdbx_nmr_exptl.type 
1 1 1 '2D NOESY' 
2 2 1 '2D NOESY' 
3 2 1 P-COSY     
4 2 1 HOHAHA     
5 2 2 P-COSY     
6 2 2 '2D NOESY' 
# 
_pdbx_nmr_details.entry_id   1JO1 
_pdbx_nmr_details.text       'This structure was determined using standard 2d-NOE buildup studies in H2O and D2O buffers.' 
# 
_pdbx_nmr_refine.entry_id           1JO1 
_pdbx_nmr_refine.method             'distance geometry and molecular dynamics' 
_pdbx_nmr_refine.details            
;The structure is based on 126 intramolecular DNA constraints, 30 H-bonding constraints, 48 intermolecular drug-DNA constraints, and 48 dihedral constraints
;
_pdbx_nmr_refine.software_ordinal   1 
# 
loop_
_pdbx_nmr_software.name 
_pdbx_nmr_software.version 
_pdbx_nmr_software.classification 
_pdbx_nmr_software.authors 
_pdbx_nmr_software.ordinal 
VNMR   6.1  collection           'Varian Instruments' 1 
Felix  3.0  'data analysis'      MSI                  2 
X-PLOR 3.01 'structure solution' 'A. Brunger'         3 
X-PLOR 3.01 refinement           'A. Brunger'         4 
# 
loop_
_chem_comp_atom.comp_id 
_chem_comp_atom.atom_id 
_chem_comp_atom.type_symbol 
_chem_comp_atom.pdbx_aromatic_flag 
_chem_comp_atom.pdbx_stereo_config 
_chem_comp_atom.pdbx_ordinal 
DA  OP3    O N N 1   
DA  P      P N N 2   
DA  OP1    O N N 3   
DA  OP2    O N N 4   
DA  "O5'"  O N N 5   
DA  "C5'"  C N N 6   
DA  "C4'"  C N R 7   
DA  "O4'"  O N N 8   
DA  "C3'"  C N S 9   
DA  "O3'"  O N N 10  
DA  "C2'"  C N N 11  
DA  "C1'"  C N R 12  
DA  N9     N Y N 13  
DA  C8     C Y N 14  
DA  N7     N Y N 15  
DA  C5     C Y N 16  
DA  C6     C Y N 17  
DA  N6     N N N 18  
DA  N1     N Y N 19  
DA  C2     C Y N 20  
DA  N3     N Y N 21  
DA  C4     C Y N 22  
DA  HOP3   H N N 23  
DA  HOP2   H N N 24  
DA  "H5'"  H N N 25  
DA  "H5''" H N N 26  
DA  "H4'"  H N N 27  
DA  "H3'"  H N N 28  
DA  "HO3'" H N N 29  
DA  "H2'"  H N N 30  
DA  "H2''" H N N 31  
DA  "H1'"  H N N 32  
DA  H8     H N N 33  
DA  H61    H N N 34  
DA  H62    H N N 35  
DA  H2     H N N 36  
DAJ C1     C N N 37  
DAJ C2     C N R 38  
DAJ N1     N N N 39  
DAJ C3     C N N 40  
DAJ N2     N Y N 41  
DAJ C4     C Y N 42  
DAJ C12    C Y N 43  
DAJ C11    C Y N 44  
DAJ O1     O N N 45  
DAJ C5     C N N 46  
DAJ C6     C N N 47  
DAJ C13    C N N 48  
DAJ C7     C N N 49  
DAJ N3     N N N 50  
DAJ O2     O N N 51  
DAJ C8     C N N 52  
DAJ C9     C Y N 53  
DAJ C10    C N N 54  
DAJ H11    H N N 55  
DAJ H12    H N N 56  
DAJ H2     H N N 57  
DAJ HN1    H N N 58  
DAJ HN2    H N N 59  
DAJ HN3    H N N 60  
DAJ H31    H N N 61  
DAJ H32    H N N 62  
DAJ H131   H N N 63  
DAJ H132   H N N 64  
DAJ H133   H N N 65  
DAJ HN4    H N N 66  
DAJ HN5    H N N 67  
DAJ H101   H N N 68  
DAJ H102   H N N 69  
DAJ H103   H N N 70  
DC  OP3    O N N 71  
DC  P      P N N 72  
DC  OP1    O N N 73  
DC  OP2    O N N 74  
DC  "O5'"  O N N 75  
DC  "C5'"  C N N 76  
DC  "C4'"  C N R 77  
DC  "O4'"  O N N 78  
DC  "C3'"  C N S 79  
DC  "O3'"  O N N 80  
DC  "C2'"  C N N 81  
DC  "C1'"  C N R 82  
DC  N1     N N N 83  
DC  C2     C N N 84  
DC  O2     O N N 85  
DC  N3     N N N 86  
DC  C4     C N N 87  
DC  N4     N N N 88  
DC  C5     C N N 89  
DC  C6     C N N 90  
DC  HOP3   H N N 91  
DC  HOP2   H N N 92  
DC  "H5'"  H N N 93  
DC  "H5''" H N N 94  
DC  "H4'"  H N N 95  
DC  "H3'"  H N N 96  
DC  "HO3'" H N N 97  
DC  "H2'"  H N N 98  
DC  "H2''" H N N 99  
DC  "H1'"  H N N 100 
DC  H41    H N N 101 
DC  H42    H N N 102 
DC  H5     H N N 103 
DC  H6     H N N 104 
DG  OP3    O N N 105 
DG  P      P N N 106 
DG  OP1    O N N 107 
DG  OP2    O N N 108 
DG  "O5'"  O N N 109 
DG  "C5'"  C N N 110 
DG  "C4'"  C N R 111 
DG  "O4'"  O N N 112 
DG  "C3'"  C N S 113 
DG  "O3'"  O N N 114 
DG  "C2'"  C N N 115 
DG  "C1'"  C N R 116 
DG  N9     N Y N 117 
DG  C8     C Y N 118 
DG  N7     N Y N 119 
DG  C5     C Y N 120 
DG  C6     C N N 121 
DG  O6     O N N 122 
DG  N1     N N N 123 
DG  C2     C N N 124 
DG  N2     N N N 125 
DG  N3     N N N 126 
DG  C4     C Y N 127 
DG  HOP3   H N N 128 
DG  HOP2   H N N 129 
DG  "H5'"  H N N 130 
DG  "H5''" H N N 131 
DG  "H4'"  H N N 132 
DG  "H3'"  H N N 133 
DG  "HO3'" H N N 134 
DG  "H2'"  H N N 135 
DG  "H2''" H N N 136 
DG  "H1'"  H N N 137 
DG  H8     H N N 138 
DG  H1     H N N 139 
DG  H21    H N N 140 
DG  H22    H N N 141 
DT  OP3    O N N 142 
DT  P      P N N 143 
DT  OP1    O N N 144 
DT  OP2    O N N 145 
DT  "O5'"  O N N 146 
DT  "C5'"  C N N 147 
DT  "C4'"  C N R 148 
DT  "O4'"  O N N 149 
DT  "C3'"  C N S 150 
DT  "O3'"  O N N 151 
DT  "C2'"  C N N 152 
DT  "C1'"  C N R 153 
DT  N1     N N N 154 
DT  C2     C N N 155 
DT  O2     O N N 156 
DT  N3     N N N 157 
DT  C4     C N N 158 
DT  O4     O N N 159 
DT  C5     C N N 160 
DT  C7     C N N 161 
DT  C6     C N N 162 
DT  HOP3   H N N 163 
DT  HOP2   H N N 164 
DT  "H5'"  H N N 165 
DT  "H5''" H N N 166 
DT  "H4'"  H N N 167 
DT  "H3'"  H N N 168 
DT  "HO3'" H N N 169 
DT  "H2'"  H N N 170 
DT  "H2''" H N N 171 
DT  "H1'"  H N N 172 
DT  H3     H N N 173 
DT  H71    H N N 174 
DT  H72    H N N 175 
DT  H73    H N N 176 
DT  H6     H N N 177 
# 
loop_
_chem_comp_bond.comp_id 
_chem_comp_bond.atom_id_1 
_chem_comp_bond.atom_id_2 
_chem_comp_bond.value_order 
_chem_comp_bond.pdbx_aromatic_flag 
_chem_comp_bond.pdbx_stereo_config 
_chem_comp_bond.pdbx_ordinal 
DA  OP3   P      sing N N 1   
DA  OP3   HOP3   sing N N 2   
DA  P     OP1    doub N N 3   
DA  P     OP2    sing N N 4   
DA  P     "O5'"  sing N N 5   
DA  OP2   HOP2   sing N N 6   
DA  "O5'" "C5'"  sing N N 7   
DA  "C5'" "C4'"  sing N N 8   
DA  "C5'" "H5'"  sing N N 9   
DA  "C5'" "H5''" sing N N 10  
DA  "C4'" "O4'"  sing N N 11  
DA  "C4'" "C3'"  sing N N 12  
DA  "C4'" "H4'"  sing N N 13  
DA  "O4'" "C1'"  sing N N 14  
DA  "C3'" "O3'"  sing N N 15  
DA  "C3'" "C2'"  sing N N 16  
DA  "C3'" "H3'"  sing N N 17  
DA  "O3'" "HO3'" sing N N 18  
DA  "C2'" "C1'"  sing N N 19  
DA  "C2'" "H2'"  sing N N 20  
DA  "C2'" "H2''" sing N N 21  
DA  "C1'" N9     sing N N 22  
DA  "C1'" "H1'"  sing N N 23  
DA  N9    C8     sing Y N 24  
DA  N9    C4     sing Y N 25  
DA  C8    N7     doub Y N 26  
DA  C8    H8     sing N N 27  
DA  N7    C5     sing Y N 28  
DA  C5    C6     sing Y N 29  
DA  C5    C4     doub Y N 30  
DA  C6    N6     sing N N 31  
DA  C6    N1     doub Y N 32  
DA  N6    H61    sing N N 33  
DA  N6    H62    sing N N 34  
DA  N1    C2     sing Y N 35  
DA  C2    N3     doub Y N 36  
DA  C2    H2     sing N N 37  
DA  N3    C4     sing Y N 38  
DAJ C1    C2     sing N N 39  
DAJ C1    C4     sing N N 40  
DAJ C1    H11    sing N N 41  
DAJ C1    H12    sing N N 42  
DAJ C2    N1     sing N N 43  
DAJ C2    C3     sing N N 44  
DAJ C2    H2     sing N N 45  
DAJ N1    HN1    sing N N 46  
DAJ N1    HN2    sing N N 47  
DAJ N1    HN3    sing N N 48  
DAJ C3    N2     sing N N 49  
DAJ C3    H31    sing N N 50  
DAJ C3    H32    sing N N 51  
DAJ N2    C4     sing Y N 52  
DAJ N2    C12    sing Y N 53  
DAJ C4    C9     doub Y N 54  
DAJ C12   C11    doub Y N 55  
DAJ C12   C5     sing N N 56  
DAJ C11   C8     sing N N 57  
DAJ C11   C9     sing Y N 58  
DAJ O1    C5     doub N N 59  
DAJ C5    C6     sing N N 60  
DAJ C6    C13    sing N N 61  
DAJ C6    C7     doub N N 62  
DAJ C13   H131   sing N N 63  
DAJ C13   H132   sing N N 64  
DAJ C13   H133   sing N N 65  
DAJ C7    N3     sing N N 66  
DAJ C7    C8     sing N N 67  
DAJ N3    HN4    sing N N 68  
DAJ N3    HN5    sing N N 69  
DAJ O2    C8     doub N N 70  
DAJ C9    C10    sing N N 71  
DAJ C10   H101   sing N N 72  
DAJ C10   H102   sing N N 73  
DAJ C10   H103   sing N N 74  
DC  OP3   P      sing N N 75  
DC  OP3   HOP3   sing N N 76  
DC  P     OP1    doub N N 77  
DC  P     OP2    sing N N 78  
DC  P     "O5'"  sing N N 79  
DC  OP2   HOP2   sing N N 80  
DC  "O5'" "C5'"  sing N N 81  
DC  "C5'" "C4'"  sing N N 82  
DC  "C5'" "H5'"  sing N N 83  
DC  "C5'" "H5''" sing N N 84  
DC  "C4'" "O4'"  sing N N 85  
DC  "C4'" "C3'"  sing N N 86  
DC  "C4'" "H4'"  sing N N 87  
DC  "O4'" "C1'"  sing N N 88  
DC  "C3'" "O3'"  sing N N 89  
DC  "C3'" "C2'"  sing N N 90  
DC  "C3'" "H3'"  sing N N 91  
DC  "O3'" "HO3'" sing N N 92  
DC  "C2'" "C1'"  sing N N 93  
DC  "C2'" "H2'"  sing N N 94  
DC  "C2'" "H2''" sing N N 95  
DC  "C1'" N1     sing N N 96  
DC  "C1'" "H1'"  sing N N 97  
DC  N1    C2     sing N N 98  
DC  N1    C6     sing N N 99  
DC  C2    O2     doub N N 100 
DC  C2    N3     sing N N 101 
DC  N3    C4     doub N N 102 
DC  C4    N4     sing N N 103 
DC  C4    C5     sing N N 104 
DC  N4    H41    sing N N 105 
DC  N4    H42    sing N N 106 
DC  C5    C6     doub N N 107 
DC  C5    H5     sing N N 108 
DC  C6    H6     sing N N 109 
DG  OP3   P      sing N N 110 
DG  OP3   HOP3   sing N N 111 
DG  P     OP1    doub N N 112 
DG  P     OP2    sing N N 113 
DG  P     "O5'"  sing N N 114 
DG  OP2   HOP2   sing N N 115 
DG  "O5'" "C5'"  sing N N 116 
DG  "C5'" "C4'"  sing N N 117 
DG  "C5'" "H5'"  sing N N 118 
DG  "C5'" "H5''" sing N N 119 
DG  "C4'" "O4'"  sing N N 120 
DG  "C4'" "C3'"  sing N N 121 
DG  "C4'" "H4'"  sing N N 122 
DG  "O4'" "C1'"  sing N N 123 
DG  "C3'" "O3'"  sing N N 124 
DG  "C3'" "C2'"  sing N N 125 
DG  "C3'" "H3'"  sing N N 126 
DG  "O3'" "HO3'" sing N N 127 
DG  "C2'" "C1'"  sing N N 128 
DG  "C2'" "H2'"  sing N N 129 
DG  "C2'" "H2''" sing N N 130 
DG  "C1'" N9     sing N N 131 
DG  "C1'" "H1'"  sing N N 132 
DG  N9    C8     sing Y N 133 
DG  N9    C4     sing Y N 134 
DG  C8    N7     doub Y N 135 
DG  C8    H8     sing N N 136 
DG  N7    C5     sing Y N 137 
DG  C5    C6     sing N N 138 
DG  C5    C4     doub Y N 139 
DG  C6    O6     doub N N 140 
DG  C6    N1     sing N N 141 
DG  N1    C2     sing N N 142 
DG  N1    H1     sing N N 143 
DG  C2    N2     sing N N 144 
DG  C2    N3     doub N N 145 
DG  N2    H21    sing N N 146 
DG  N2    H22    sing N N 147 
DG  N3    C4     sing N N 148 
DT  OP3   P      sing N N 149 
DT  OP3   HOP3   sing N N 150 
DT  P     OP1    doub N N 151 
DT  P     OP2    sing N N 152 
DT  P     "O5'"  sing N N 153 
DT  OP2   HOP2   sing N N 154 
DT  "O5'" "C5'"  sing N N 155 
DT  "C5'" "C4'"  sing N N 156 
DT  "C5'" "H5'"  sing N N 157 
DT  "C5'" "H5''" sing N N 158 
DT  "C4'" "O4'"  sing N N 159 
DT  "C4'" "C3'"  sing N N 160 
DT  "C4'" "H4'"  sing N N 161 
DT  "O4'" "C1'"  sing N N 162 
DT  "C3'" "O3'"  sing N N 163 
DT  "C3'" "C2'"  sing N N 164 
DT  "C3'" "H3'"  sing N N 165 
DT  "O3'" "HO3'" sing N N 166 
DT  "C2'" "C1'"  sing N N 167 
DT  "C2'" "H2'"  sing N N 168 
DT  "C2'" "H2''" sing N N 169 
DT  "C1'" N1     sing N N 170 
DT  "C1'" "H1'"  sing N N 171 
DT  N1    C2     sing N N 172 
DT  N1    C6     sing N N 173 
DT  C2    O2     doub N N 174 
DT  C2    N3     sing N N 175 
DT  N3    C4     sing N N 176 
DT  N3    H3     sing N N 177 
DT  C4    O4     doub N N 178 
DT  C4    C5     sing N N 179 
DT  C5    C7     sing N N 180 
DT  C5    C6     doub N N 181 
DT  C7    H71    sing N N 182 
DT  C7    H72    sing N N 183 
DT  C7    H73    sing N N 184 
DT  C6    H6     sing N N 185 
# 
loop_
_ndb_struct_conf_na.entry_id 
_ndb_struct_conf_na.feature 
1JO1 'double helix'        
1JO1 'b-form double helix' 
# 
loop_
_ndb_struct_na_base_pair.model_number 
_ndb_struct_na_base_pair.i_label_asym_id 
_ndb_struct_na_base_pair.i_label_comp_id 
_ndb_struct_na_base_pair.i_label_seq_id 
_ndb_struct_na_base_pair.i_symmetry 
_ndb_struct_na_base_pair.j_label_asym_id 
_ndb_struct_na_base_pair.j_label_comp_id 
_ndb_struct_na_base_pair.j_label_seq_id 
_ndb_struct_na_base_pair.j_symmetry 
_ndb_struct_na_base_pair.shear 
_ndb_struct_na_base_pair.stretch 
_ndb_struct_na_base_pair.stagger 
_ndb_struct_na_base_pair.buckle 
_ndb_struct_na_base_pair.propeller 
_ndb_struct_na_base_pair.opening 
_ndb_struct_na_base_pair.pair_number 
_ndb_struct_na_base_pair.pair_name 
_ndb_struct_na_base_pair.i_auth_asym_id 
_ndb_struct_na_base_pair.i_auth_seq_id 
_ndb_struct_na_base_pair.i_PDB_ins_code 
_ndb_struct_na_base_pair.j_auth_asym_id 
_ndb_struct_na_base_pair.j_auth_seq_id 
_ndb_struct_na_base_pair.j_PDB_ins_code 
_ndb_struct_na_base_pair.hbond_type_28 
_ndb_struct_na_base_pair.hbond_type_12 
1 A DG 1  1_555 B DC 12 1_555 -1.162 -0.319 0.561  16.720  0.748   2.902  1  A_DG1:DC12_B A 1  ? B 12 ? 19 1 
1 A DT 2  1_555 B DA 11 1_555 -0.244 -0.247 0.224  1.397   -11.578 -0.418 2  A_DT2:DA11_B A 2  ? B 11 ? 20 1 
1 A DG 3  1_555 B DC 10 1_555 -0.644 -0.408 0.936  16.186  2.519   -0.207 3  A_DG3:DC10_B A 3  ? B 10 ? 19 1 
1 A DG 4  1_555 B DC 9  1_555 -0.234 -0.129 -0.138 -28.666 -20.654 -1.918 4  A_DG4:DC9_B  A 4  ? B 9  ? 19 1 
1 A DT 5  1_555 B DA 8  1_555 -0.017 -0.093 0.226  -11.445 4.696   7.407  5  A_DT5:DA8_B  A 5  ? B 8  ? 20 1 
1 A DA 6  1_555 B DT 7  1_555 0.174  -0.505 -1.021 -6.187  -5.988  5.702  6  A_DA6:DT7_B  A 6  ? B 7  ? 20 1 
1 A DT 7  1_555 B DA 6  1_555 -0.175 -0.504 -1.021 6.159   -5.977  5.708  7  A_DT7:DA6_B  A 7  ? B 6  ? 20 1 
1 A DA 8  1_555 B DT 5  1_555 0.018  -0.091 0.225  11.440  4.719   7.400  8  A_DA8:DT5_B  A 8  ? B 5  ? 20 1 
1 A DC 9  1_555 B DG 4  1_555 0.236  -0.127 -0.139 28.677  -20.594 -1.895 9  A_DC9:DG4_B  A 9  ? B 4  ? 19 1 
1 A DC 10 1_555 B DG 3  1_555 0.649  -0.410 0.937  -16.164 2.533   -0.205 10 A_DC10:DG3_B A 10 ? B 3  ? 19 1 
1 A DA 11 1_555 B DT 2  1_555 0.249  -0.252 0.225  -1.358  -11.575 -0.418 11 A_DA11:DT2_B A 11 ? B 2  ? 20 1 
1 A DC 12 1_555 B DG 1  1_555 1.161  -0.326 0.559  -16.703 0.731   2.897  12 A_DC12:DG1_B A 12 ? B 1  ? 19 1 
# 
loop_
_ndb_struct_na_base_pair_step.model_number 
_ndb_struct_na_base_pair_step.i_label_asym_id_1 
_ndb_struct_na_base_pair_step.i_label_comp_id_1 
_ndb_struct_na_base_pair_step.i_label_seq_id_1 
_ndb_struct_na_base_pair_step.i_symmetry_1 
_ndb_struct_na_base_pair_step.j_label_asym_id_1 
_ndb_struct_na_base_pair_step.j_label_comp_id_1 
_ndb_struct_na_base_pair_step.j_label_seq_id_1 
_ndb_struct_na_base_pair_step.j_symmetry_1 
_ndb_struct_na_base_pair_step.i_label_asym_id_2 
_ndb_struct_na_base_pair_step.i_label_comp_id_2 
_ndb_struct_na_base_pair_step.i_label_seq_id_2 
_ndb_struct_na_base_pair_step.i_symmetry_2 
_ndb_struct_na_base_pair_step.j_label_asym_id_2 
_ndb_struct_na_base_pair_step.j_label_comp_id_2 
_ndb_struct_na_base_pair_step.j_label_seq_id_2 
_ndb_struct_na_base_pair_step.j_symmetry_2 
_ndb_struct_na_base_pair_step.shift 
_ndb_struct_na_base_pair_step.slide 
_ndb_struct_na_base_pair_step.rise 
_ndb_struct_na_base_pair_step.tilt 
_ndb_struct_na_base_pair_step.roll 
_ndb_struct_na_base_pair_step.twist 
_ndb_struct_na_base_pair_step.x_displacement 
_ndb_struct_na_base_pair_step.y_displacement 
_ndb_struct_na_base_pair_step.helical_rise 
_ndb_struct_na_base_pair_step.inclination 
_ndb_struct_na_base_pair_step.tip 
_ndb_struct_na_base_pair_step.helical_twist 
_ndb_struct_na_base_pair_step.step_number 
_ndb_struct_na_base_pair_step.step_name 
_ndb_struct_na_base_pair_step.i_auth_asym_id_1 
_ndb_struct_na_base_pair_step.i_auth_seq_id_1 
_ndb_struct_na_base_pair_step.i_PDB_ins_code_1 
_ndb_struct_na_base_pair_step.j_auth_asym_id_1 
_ndb_struct_na_base_pair_step.j_auth_seq_id_1 
_ndb_struct_na_base_pair_step.j_PDB_ins_code_1 
_ndb_struct_na_base_pair_step.i_auth_asym_id_2 
_ndb_struct_na_base_pair_step.i_auth_seq_id_2 
_ndb_struct_na_base_pair_step.i_PDB_ins_code_2 
_ndb_struct_na_base_pair_step.j_auth_asym_id_2 
_ndb_struct_na_base_pair_step.j_auth_seq_id_2 
_ndb_struct_na_base_pair_step.j_PDB_ins_code_2 
1 A DG 1  1_555 B DC 12 1_555 A DT 2  1_555 B DA 11 1_555 -0.303 -1.140 3.589 2.065   -2.066 38.394 -1.446 0.742  3.623 -3.136  
-3.134  38.501 1  AA_DG1DT2:DA11DC12_BB A 1  ? B 12 ? A 2  ? B 11 ? 
1 A DT 2  1_555 B DA 11 1_555 A DG 3  1_555 B DC 10 1_555 0.880  -0.892 2.779 -7.622  -5.768 31.906 -0.745 -2.611 2.623 -10.209 
13.492  33.272 2  AA_DT2DG3:DC10DA11_BB A 2  ? B 11 ? A 3  ? B 10 ? 
1 A DG 3  1_555 B DC 10 1_555 A DG 4  1_555 B DC 9  1_555 0.581  -2.077 4.733 15.501  -2.759 37.349 -2.538 1.790  4.738 -4.093  
-22.995 40.423 3  AA_DG3DG4:DC9DC10_BB  A 3  ? B 10 ? A 4  ? B 9  ? 
1 A DG 4  1_555 B DC 9  1_555 A DT 5  1_555 B DA 8  1_555 -0.203 -0.114 2.711 -2.193  4.618  31.379 -0.908 0.038  2.675 8.468   
4.022   31.783 4  AA_DG4DT5:DA8DC9_BB   A 4  ? B 9  ? A 5  ? B 8  ? 
1 A DT 5  1_555 B DA 8  1_555 A DA 6  1_555 B DT 7  1_555 0.635  1.011  3.020 12.299  8.255  40.260 0.573  0.340  3.211 11.532  
-17.181 42.792 5  AA_DT5DA6:DT7DA8_BB   A 5  ? B 8  ? A 6  ? B 7  ? 
1 A DA 6  1_555 B DT 7  1_555 A DT 7  1_555 B DA 6  1_555 0.000  -0.650 2.566 0.002   6.069  32.790 -1.908 0.000  2.410 10.637  
-0.003  33.332 6  AA_DA6DT7:DA6DT7_BB   A 6  ? B 7  ? A 7  ? B 6  ? 
1 A DT 7  1_555 B DA 6  1_555 A DA 8  1_555 B DT 5  1_555 -0.636 1.011  3.019 -12.298 8.256  40.254 0.574  -0.339 3.210 11.535  
17.182  42.787 7  AA_DT7DA8:DT5DA6_BB   A 7  ? B 6  ? A 8  ? B 5  ? 
1 A DA 8  1_555 B DT 5  1_555 A DC 9  1_555 B DG 4  1_555 0.204  -0.113 2.711 2.189   4.621  31.370 -0.908 -0.040 2.675 8.476   
-4.015  31.774 8  AA_DA8DC9:DG4DT5_BB   A 8  ? B 5  ? A 9  ? B 4  ? 
1 A DC 9  1_555 B DG 4  1_555 A DC 10 1_555 B DG 3  1_555 -0.581 -2.077 4.734 -15.509 -2.763 37.360 -2.536 -1.790 4.739 -4.097  
22.999  40.436 9  AA_DC9DC10:DG3DG4_BB  A 9  ? B 4  ? A 10 ? B 3  ? 
1 A DC 10 1_555 B DG 3  1_555 A DA 11 1_555 B DT 2  1_555 -0.880 -0.892 2.779 7.613   -5.766 31.911 -0.745 2.609  2.623 -10.206 
-13.474 33.274 10 AA_DC10DA11:DT2DG3_BB A 10 ? B 3  ? A 11 ? B 2  ? 
1 A DA 11 1_555 B DT 2  1_555 A DC 12 1_555 B DG 1  1_555 0.302  -1.141 3.590 -2.049  -2.070 38.377 -1.447 -0.740 3.624 -3.144  
3.111   38.483 11 AA_DA11DC12:DG1DT2_BB A 11 ? B 2  ? A 12 ? B 1  ? 
# 
loop_
_pdbx_nmr_spectrometer.spectrometer_id 
_pdbx_nmr_spectrometer.type 
_pdbx_nmr_spectrometer.manufacturer 
_pdbx_nmr_spectrometer.model 
_pdbx_nmr_spectrometer.field_strength 
1 ? Varian UNITYPLUS 500 
2 ? Varian UNITYPLUS 600 
# 
_atom_sites.entry_id                    1JO1 
_atom_sites.fract_transf_matrix[1][1]   1.000000 
_atom_sites.fract_transf_matrix[1][2]   0.000000 
_atom_sites.fract_transf_matrix[1][3]   0.000000 
_atom_sites.fract_transf_matrix[2][1]   0.000000 
_atom_sites.fract_transf_matrix[2][2]   1.000000 
_atom_sites.fract_transf_matrix[2][3]   0.000000 
_atom_sites.fract_transf_matrix[3][1]   0.000000 
_atom_sites.fract_transf_matrix[3][2]   0.000000 
_atom_sites.fract_transf_matrix[3][3]   1.000000 
_atom_sites.fract_transf_vector[1]      0.00000 
_atom_sites.fract_transf_vector[2]      0.00000 
_atom_sites.fract_transf_vector[3]      0.00000 
# 
loop_
_atom_type.symbol 
C 
H 
N 
O 
P 
# 
loop_
_atom_site.group_PDB 
_atom_site.id 
_atom_site.type_symbol 
_atom_site.label_atom_id 
_atom_site.label_alt_id 
_atom_site.label_comp_id 
_atom_site.label_asym_id 
_atom_site.label_entity_id 
_atom_site.label_seq_id 
_atom_site.pdbx_PDB_ins_code 
_atom_site.Cartn_x 
_atom_site.Cartn_y 
_atom_site.Cartn_z 
_atom_site.occupancy 
_atom_site.B_iso_or_equiv 
_atom_site.pdbx_formal_charge 
_atom_site.auth_seq_id 
_atom_site.auth_comp_id 
_atom_site.auth_asym_id 
_atom_site.auth_atom_id 
_atom_site.pdbx_PDB_model_num 
ATOM   1   O "O5'"  . DG  A 1 1  ? 5.280   19.471  -3.749  1.00 0.44 ? 1  DG  A "O5'"  1 
ATOM   2   C "C5'"  . DG  A 1 1  ? 6.608   19.694  -4.243  1.00 0.38 ? 1  DG  A "C5'"  1 
ATOM   3   C "C4'"  . DG  A 1 1  ? 7.575   18.611  -3.754  1.00 0.18 ? 1  DG  A "C4'"  1 
ATOM   4   O "O4'"  . DG  A 1 1  ? 7.583   18.561  -2.302  1.00 0.16 ? 1  DG  A "O4'"  1 
ATOM   5   C "C3'"  . DG  A 1 1  ? 7.189   17.208  -4.249  1.00 0.20 ? 1  DG  A "C3'"  1 
ATOM   6   O "O3'"  . DG  A 1 1  ? 8.351   16.426  -4.598  1.00 0.28 ? 1  DG  A "O3'"  1 
ATOM   7   C "C2'"  . DG  A 1 1  ? 6.420   16.722  -3.043  1.00 0.32 ? 1  DG  A "C2'"  1 
ATOM   8   C "C1'"  . DG  A 1 1  ? 7.238   17.233  -1.869  1.00 0.13 ? 1  DG  A "C1'"  1 
ATOM   9   N N9     . DG  A 1 1  ? 6.451   17.239  -0.619  1.00 0.10 ? 1  DG  A N9     1 
ATOM   10  C C8     . DG  A 1 1  ? 5.167   17.628  -0.437  1.00 0.18 ? 1  DG  A C8     1 
ATOM   11  N N7     . DG  A 1 1  ? 4.691   17.538  0.765   1.00 0.17 ? 1  DG  A N7     1 
ATOM   12  C C5     . DG  A 1 1  ? 5.780   17.030  1.472   1.00 0.07 ? 1  DG  A C5     1 
ATOM   13  C C6     . DG  A 1 1  ? 5.896   16.704  2.855   1.00 0.11 ? 1  DG  A C6     1 
ATOM   14  O O6     . DG  A 1 1  ? 5.071   16.789  3.764   1.00 0.15 ? 1  DG  A O6     1 
ATOM   15  N N1     . DG  A 1 1  ? 7.147   16.228  3.146   1.00 0.17 ? 1  DG  A N1     1 
ATOM   16  C C2     . DG  A 1 1  ? 8.170   16.073  2.243   1.00 0.20 ? 1  DG  A C2     1 
ATOM   17  N N2     . DG  A 1 1  ? 9.289   15.581  2.732   1.00 0.31 ? 1  DG  A N2     1 
ATOM   18  N N3     . DG  A 1 1  ? 8.092   16.367  0.950   1.00 0.14 ? 1  DG  A N3     1 
ATOM   19  C C4     . DG  A 1 1  ? 6.862   16.843  0.634   1.00 0.05 ? 1  DG  A C4     1 
ATOM   20  H "H5'"  . DG  A 1 1  ? 6.957   20.664  -3.890  1.00 0.46 ? 1  DG  A "H5'"  1 
ATOM   21  H "H5''" . DG  A 1 1  ? 6.591   19.698  -5.333  1.00 0.45 ? 1  DG  A "H5''" 1 
ATOM   22  H "H4'"  . DG  A 1 1  ? 8.583   18.837  -4.103  1.00 0.22 ? 1  DG  A "H4'"  1 
ATOM   23  H "H3'"  . DG  A 1 1  ? 6.565   17.276  -5.140  1.00 0.38 ? 1  DG  A "H3'"  1 
ATOM   24  H "H2'"  . DG  A 1 1  ? 5.448   17.213  -3.074  1.00 0.51 ? 1  DG  A "H2'"  1 
ATOM   25  H "H2''" . DG  A 1 1  ? 6.274   15.643  -3.008  1.00 0.54 ? 1  DG  A "H2''" 1 
ATOM   26  H "H1'"  . DG  A 1 1  ? 8.129   16.617  -1.750  1.00 0.30 ? 1  DG  A "H1'"  1 
ATOM   27  H H8     . DG  A 1 1  ? 4.585   17.983  -1.288  1.00 0.27 ? 1  DG  A H8     1 
ATOM   28  H H1     . DG  A 1 1  ? 7.256   15.991  4.122   1.00 0.24 ? 1  DG  A H1     1 
ATOM   29  H H21    . DG  A 1 1  ? 9.331   15.409  3.726   1.00 0.39 ? 1  DG  A H21    1 
ATOM   30  H H22    . DG  A 1 1  ? 10.044  15.386  2.090   1.00 0.34 ? 1  DG  A H22    1 
ATOM   31  H "HO5'" . DG  A 1 1  ? 5.365   19.377  -2.798  1.00 0.37 ? 1  DG  A "HO5'" 1 
ATOM   32  P P      . DT  A 1 2  ? 8.498   14.841  -4.332  1.00 0.77 ? 2  DT  A P      1 
ATOM   33  O OP1    . DT  A 1 2  ? 9.609   14.323  -5.157  1.00 1.28 ? 2  DT  A OP1    1 
ATOM   34  O OP2    . DT  A 1 2  ? 7.156   14.216  -4.414  1.00 0.82 ? 2  DT  A OP2    1 
ATOM   35  O "O5'"  . DT  A 1 2  ? 8.971   14.844  -2.795  1.00 1.11 ? 2  DT  A "O5'"  1 
ATOM   36  C "C5'"  . DT  A 1 2  ? 10.324  15.178  -2.422  1.00 1.20 ? 2  DT  A "C5'"  1 
ATOM   37  C "C4'"  . DT  A 1 2  ? 10.878  14.172  -1.419  1.00 1.19 ? 2  DT  A "C4'"  1 
ATOM   38  O "O4'"  . DT  A 1 2  ? 10.099  14.221  -0.205  1.00 1.24 ? 2  DT  A "O4'"  1 
ATOM   39  C "C3'"  . DT  A 1 2  ? 10.808  12.739  -1.975  1.00 1.12 ? 2  DT  A "C3'"  1 
ATOM   40  O "O3'"  . DT  A 1 2  ? 11.870  11.879  -1.536  1.00 1.32 ? 2  DT  A "O3'"  1 
ATOM   41  C "C2'"  . DT  A 1 2  ? 9.444   12.339  -1.465  1.00 0.89 ? 2  DT  A "C2'"  1 
ATOM   42  C "C1'"  . DT  A 1 2  ? 9.368   12.989  -0.092  1.00 0.98 ? 2  DT  A "C1'"  1 
ATOM   43  N N1     . DT  A 1 2  ? 7.970   13.220  0.355   1.00 0.87 ? 2  DT  A N1     1 
ATOM   44  C C2     . DT  A 1 2  ? 7.687   12.926  1.678   1.00 0.95 ? 2  DT  A C2     1 
ATOM   45  O O2     . DT  A 1 2  ? 8.504   12.500  2.489   1.00 1.10 ? 2  DT  A O2     1 
ATOM   46  N N3     . DT  A 1 2  ? 6.396   13.135  2.074   1.00 0.92 ? 2  DT  A N3     1 
ATOM   47  C C4     . DT  A 1 2  ? 5.365   13.597  1.301   1.00 0.81 ? 2  DT  A C4     1 
ATOM   48  O O4     . DT  A 1 2  ? 4.264   13.730  1.819   1.00 0.85 ? 2  DT  A O4     1 
ATOM   49  C C5     . DT  A 1 2  ? 5.716   13.882  -0.064  1.00 0.71 ? 2  DT  A C5     1 
ATOM   50  C C7     . DT  A 1 2  ? 4.634   14.377  -1.036  1.00 0.66 ? 2  DT  A C7     1 
ATOM   51  C C6     . DT  A 1 2  ? 6.981   13.696  -0.490  1.00 0.75 ? 2  DT  A C6     1 
ATOM   52  H "H5'"  . DT  A 1 2  ? 10.343  16.167  -1.962  1.00 1.32 ? 2  DT  A "H5'"  1 
ATOM   53  H "H5''" . DT  A 1 2  ? 10.973  15.183  -3.297  1.00 1.26 ? 2  DT  A "H5''" 1 
ATOM   54  H "H4'"  . DT  A 1 2  ? 11.916  14.421  -1.196  1.00 1.29 ? 2  DT  A "H4'"  1 
ATOM   55  H "H3'"  . DT  A 1 2  ? 10.856  12.764  -3.064  1.00 1.19 ? 2  DT  A "H3'"  1 
ATOM   56  H "H2'"  . DT  A 1 2  ? 8.734   12.795  -2.157  1.00 0.87 ? 2  DT  A "H2'"  1 
ATOM   57  H "H2''" . DT  A 1 2  ? 9.266   11.265  -1.418  1.00 0.84 ? 2  DT  A "H2''" 1 
ATOM   58  H "H1'"  . DT  A 1 2  ? 9.887   12.337  0.610   1.00 1.09 ? 2  DT  A "H1'"  1 
ATOM   59  H H3     . DT  A 1 2  ? 6.177   12.930  3.039   1.00 1.02 ? 2  DT  A H3     1 
ATOM   60  H H71    . DT  A 1 2  ? 4.555   13.687  -1.876  1.00 1.36 ? 2  DT  A H71    1 
ATOM   61  H H72    . DT  A 1 2  ? 4.880   15.367  -1.419  1.00 1.12 ? 2  DT  A H72    1 
ATOM   62  H H73    . DT  A 1 2  ? 3.671   14.424  -0.525  1.00 1.10 ? 2  DT  A H73    1 
ATOM   63  H H6     . DT  A 1 2  ? 7.186   13.954  -1.530  1.00 0.73 ? 2  DT  A H6     1 
ATOM   64  P P      . DG  A 1 3  ? 11.853  10.298  -1.795  1.00 1.36 ? 3  DG  A P      1 
ATOM   65  O OP1    . DG  A 1 3  ? 13.253  9.819   -1.884  1.00 1.54 ? 3  DG  A OP1    1 
ATOM   66  O OP2    . DG  A 1 3  ? 10.887  9.979   -2.874  1.00 1.31 ? 3  DG  A OP2    1 
ATOM   67  O "O5'"  . DG  A 1 3  ? 11.224  9.835   -0.404  1.00 1.31 ? 3  DG  A "O5'"  1 
ATOM   68  C "C5'"  . DG  A 1 3  ? 11.986  9.904   0.810   1.00 1.37 ? 3  DG  A "C5'"  1 
ATOM   69  C "C4'"  . DG  A 1 3  ? 11.228  9.194   1.909   1.00 1.31 ? 3  DG  A "C4'"  1 
ATOM   70  O "O4'"  . DG  A 1 3  ? 9.965   9.853   2.152   1.00 1.32 ? 3  DG  A "O4'"  1 
ATOM   71  C "C3'"  . DG  A 1 3  ? 10.913  7.767   1.435   1.00 1.22 ? 3  DG  A "C3'"  1 
ATOM   72  O "O3'"  . DG  A 1 3  ? 10.989  6.804   2.483   1.00 1.27 ? 3  DG  A "O3'"  1 
ATOM   73  C "C2'"  . DG  A 1 3  ? 9.504   7.964   0.951   1.00 1.12 ? 3  DG  A "C2'"  1 
ATOM   74  C "C1'"  . DG  A 1 3  ? 8.936   8.875   1.993   1.00 1.17 ? 3  DG  A "C1'"  1 
ATOM   75  N N9     . DG  A 1 3  ? 7.614   9.399   1.610   1.00 1.11 ? 3  DG  A N9     1 
ATOM   76  C C8     . DG  A 1 3  ? 7.127   9.902   0.437   1.00 1.08 ? 3  DG  A C8     1 
ATOM   77  N N7     . DG  A 1 3  ? 5.877   10.281  0.460   1.00 1.04 ? 3  DG  A N7     1 
ATOM   78  C C5     . DG  A 1 3  ? 5.508   9.997   1.779   1.00 1.05 ? 3  DG  A C5     1 
ATOM   79  C C6     . DG  A 1 3  ? 4.272   10.173  2.461   1.00 1.06 ? 3  DG  A C6     1 
ATOM   80  O O6     . DG  A 1 3  ? 3.205   10.625  2.053   1.00 1.06 ? 3  DG  A O6     1 
ATOM   81  N N1     . DG  A 1 3  ? 4.355   9.755   3.775   1.00 1.12 ? 3  DG  A N1     1 
ATOM   82  C C2     . DG  A 1 3  ? 5.472   9.230   4.380   1.00 1.17 ? 3  DG  A C2     1 
ATOM   83  N N2     . DG  A 1 3  ? 5.409   8.906   5.662   1.00 1.24 ? 3  DG  A N2     1 
ATOM   84  N N3     . DG  A 1 3  ? 6.621   9.061   3.748   1.00 1.15 ? 3  DG  A N3     1 
ATOM   85  C C4     . DG  A 1 3  ? 6.568   9.464   2.465   1.00 1.10 ? 3  DG  A C4     1 
ATOM   86  H "H5'"  . DG  A 1 3  ? 12.167  10.939  1.102   1.00 1.45 ? 3  DG  A "H5'"  1 
ATOM   87  H "H5''" . DG  A 1 3  ? 12.944  9.404   0.665   1.00 1.40 ? 3  DG  A "H5''" 1 
ATOM   88  H "H4'"  . DG  A 1 3  ? 11.819  9.150   2.824   1.00 1.35 ? 3  DG  A "H4'"  1 
ATOM   89  H "H3'"  . DG  A 1 3  ? 11.588  7.454   0.638   1.00 1.26 ? 3  DG  A "H3'"  1 
ATOM   90  H "H2'"  . DG  A 1 3  ? 9.556   8.507   0.007   1.00 1.14 ? 3  DG  A "H2'"  1 
ATOM   91  H "H2''" . DG  A 1 3  ? 8.924   7.047   0.850   1.00 1.05 ? 3  DG  A "H2''" 1 
ATOM   92  H "H1'"  . DG  A 1 3  ? 8.850   8.316   2.925   1.00 1.19 ? 3  DG  A "H1'"  1 
ATOM   93  H H8     . DG  A 1 3  ? 7.738   9.983   -0.462  1.00 1.11 ? 3  DG  A H8     1 
ATOM   94  H H1     . DG  A 1 3  ? 3.496   9.873   4.294   1.00 1.15 ? 3  DG  A H1     1 
ATOM   95  H H21    . DG  A 1 3  ? 4.560   9.065   6.186   1.00 1.26 ? 3  DG  A H21    1 
ATOM   96  H H22    . DG  A 1 3  ? 6.235   8.509   6.084   1.00 1.29 ? 3  DG  A H22    1 
ATOM   97  P P      . DG  A 1 4  ? 10.583  5.268   2.219   1.00 1.06 ? 4  DG  A P      1 
ATOM   98  O OP1    . DG  A 1 4  ? 11.592  4.421   2.888   1.00 1.09 ? 4  DG  A OP1    1 
ATOM   99  O OP2    . DG  A 1 4  ? 10.295  5.063   0.778   1.00 0.94 ? 4  DG  A OP2    1 
ATOM   100 O "O5'"  . DG  A 1 4  ? 9.186   5.151   3.029   1.00 1.09 ? 4  DG  A "O5'"  1 
ATOM   101 C "C5'"  . DG  A 1 4  ? 9.164   5.326   4.459   1.00 1.30 ? 4  DG  A "C5'"  1 
ATOM   102 C "C4'"  . DG  A 1 4  ? 7.758   5.317   5.055   1.00 1.34 ? 4  DG  A "C4'"  1 
ATOM   103 O "O4'"  . DG  A 1 4  ? 6.925   6.338   4.470   1.00 1.22 ? 4  DG  A "O4'"  1 
ATOM   104 C "C3'"  . DG  A 1 4  ? 7.009   4.001   4.833   1.00 1.35 ? 4  DG  A "C3'"  1 
ATOM   105 O "O3'"  . DG  A 1 4  ? 7.456   2.945   5.714   1.00 1.53 ? 4  DG  A "O3'"  1 
ATOM   106 C "C2'"  . DG  A 1 4  ? 5.619   4.505   5.176   1.00 1.33 ? 4  DG  A "C2'"  1 
ATOM   107 C "C1'"  . DG  A 1 4  ? 5.560   5.945   4.647   1.00 1.20 ? 4  DG  A "C1'"  1 
ATOM   108 N N9     . DG  A 1 4  ? 4.718   6.172   3.445   1.00 1.11 ? 4  DG  A N9     1 
ATOM   109 C C8     . DG  A 1 4  ? 4.988   6.214   2.078   1.00 1.08 ? 4  DG  A C8     1 
ATOM   110 N N7     . DG  A 1 4  ? 3.842   6.403   1.345   1.00 1.08 ? 4  DG  A N7     1 
ATOM   111 C C5     . DG  A 1 4  ? 2.844   6.494   2.284   1.00 1.11 ? 4  DG  A C5     1 
ATOM   112 C C6     . DG  A 1 4  ? 1.462   6.694   2.098   1.00 1.17 ? 4  DG  A C6     1 
ATOM   113 O O6     . DG  A 1 4  ? 0.850   6.836   1.048   1.00 1.23 ? 4  DG  A O6     1 
ATOM   114 N N1     . DG  A 1 4  ? 0.781   6.726   3.296   1.00 1.21 ? 4  DG  A N1     1 
ATOM   115 C C2     . DG  A 1 4  ? 1.350   6.581   4.537   1.00 1.21 ? 4  DG  A C2     1 
ATOM   116 N N2     . DG  A 1 4  ? 0.511   6.640   5.557   1.00 1.28 ? 4  DG  A N2     1 
ATOM   117 N N3     . DG  A 1 4  ? 2.662   6.393   4.718   1.00 1.17 ? 4  DG  A N3     1 
ATOM   118 C C4     . DG  A 1 4  ? 3.356   6.358   3.549   1.00 1.12 ? 4  DG  A C4     1 
ATOM   119 H "H5'"  . DG  A 1 4  ? 9.616   6.287   4.704   1.00 1.38 ? 4  DG  A "H5'"  1 
ATOM   120 H "H5''" . DG  A 1 4  ? 9.746   4.533   4.929   1.00 1.41 ? 4  DG  A "H5''" 1 
ATOM   121 H "H4'"  . DG  A 1 4  ? 7.838   5.490   6.129   1.00 1.51 ? 4  DG  A "H4'"  1 
ATOM   122 H "H3'"  . DG  A 1 4  ? 7.048   3.715   3.782   1.00 1.28 ? 4  DG  A "H3'"  1 
ATOM   123 H "H2'"  . DG  A 1 4  ? 4.758   3.871   4.964   1.00 1.36 ? 4  DG  A "H2'"  1 
ATOM   124 H "H2''" . DG  A 1 4  ? 5.536   4.457   6.262   1.00 1.44 ? 4  DG  A "H2''" 1 
ATOM   125 H "H1'"  . DG  A 1 4  ? 5.126   6.497   5.481   1.00 1.23 ? 4  DG  A "H1'"  1 
ATOM   126 H H8     . DG  A 1 4  ? 5.959   6.157   1.586   1.00 1.09 ? 4  DG  A H8     1 
ATOM   127 H H1     . DG  A 1 4  ? -0.214  6.886   3.227   1.00 1.27 ? 4  DG  A H1     1 
ATOM   128 H H21    . DG  A 1 4  ? -0.476  6.748   5.370   1.00 1.34 ? 4  DG  A H21    1 
ATOM   129 H H22    . DG  A 1 4  ? 0.838   6.584   6.511   1.00 1.31 ? 4  DG  A H22    1 
ATOM   130 P P      . DT  A 1 5  ? 6.777   1.489   5.696   1.00 1.69 ? 5  DT  A P      1 
ATOM   131 O OP1    . DT  A 1 5  ? 7.532   0.569   6.570   1.00 1.89 ? 5  DT  A OP1    1 
ATOM   132 O OP2    . DT  A 1 5  ? 6.507   1.124   4.284   1.00 1.66 ? 5  DT  A OP2    1 
ATOM   133 O "O5'"  . DT  A 1 5  ? 5.351   1.818   6.377   1.00 1.71 ? 5  DT  A "O5'"  1 
ATOM   134 C "C5'"  . DT  A 1 5  ? 5.222   2.289   7.730   1.00 1.80 ? 5  DT  A "C5'"  1 
ATOM   135 C "C4'"  . DT  A 1 5  ? 3.766   2.263   8.178   1.00 1.87 ? 5  DT  A "C4'"  1 
ATOM   136 O "O4'"  . DT  A 1 5  ? 2.883   3.041   7.338   1.00 1.73 ? 5  DT  A "O4'"  1 
ATOM   137 C "C3'"  . DT  A 1 5  ? 3.253   0.843   8.124   1.00 2.04 ? 5  DT  A "C3'"  1 
ATOM   138 O "O3'"  . DT  A 1 5  ? 2.352   0.603   9.182   1.00 2.21 ? 5  DT  A "O3'"  1 
ATOM   139 C "C2'"  . DT  A 1 5  ? 2.558   0.805   6.801   1.00 1.97 ? 5  DT  A "C2'"  1 
ATOM   140 C "C1'"  . DT  A 1 5  ? 1.934   2.189   6.676   1.00 1.82 ? 5  DT  A "C1'"  1 
ATOM   141 N N1     . DT  A 1 5  ? 1.858   2.616   5.263   1.00 1.69 ? 5  DT  A N1     1 
ATOM   142 C C2     . DT  A 1 5  ? 0.654   3.065   4.753   1.00 1.69 ? 5  DT  A C2     1 
ATOM   143 O O2     . DT  A 1 5  ? -0.387  3.146   5.392   1.00 1.79 ? 5  DT  A O2     1 
ATOM   144 N N3     . DT  A 1 5  ? 0.674   3.438   3.434   1.00 1.61 ? 5  DT  A N3     1 
ATOM   145 C C4     . DT  A 1 5  ? 1.760   3.405   2.596   1.00 1.52 ? 5  DT  A C4     1 
ATOM   146 O O4     . DT  A 1 5  ? 1.589   3.777   1.442   1.00 1.50 ? 5  DT  A O4     1 
ATOM   147 C C5     . DT  A 1 5  ? 2.985   2.922   3.204   1.00 1.51 ? 5  DT  A C5     1 
ATOM   148 C C7     . DT  A 1 5  ? 4.335   2.777   2.461   1.00 1.45 ? 5  DT  A C7     1 
ATOM   149 C C6     . DT  A 1 5  ? 2.980   2.560   4.483   1.00 1.60 ? 5  DT  A C6     1 
ATOM   150 H "H5'"  . DT  A 1 5  ? 5.600   3.306   7.845   1.00 1.72 ? 5  DT  A "H5'"  1 
ATOM   151 H "H5''" . DT  A 1 5  ? 5.800   1.644   8.392   1.00 1.94 ? 5  DT  A "H5''" 1 
ATOM   152 H "H4'"  . DT  A 1 5  ? 3.693   2.631   9.201   1.00 1.95 ? 5  DT  A "H4'"  1 
ATOM   153 H "H3'"  . DT  A 1 5  ? 4.072   0.128   8.196   1.00 2.10 ? 5  DT  A "H3'"  1 
ATOM   154 H "H2'"  . DT  A 1 5  ? 3.343   0.635   6.066   1.00 1.90 ? 5  DT  A "H2'"  1 
ATOM   155 H "H2''" . DT  A 1 5  ? 1.810   0.013   6.748   1.00 2.12 ? 5  DT  A "H2''" 1 
ATOM   156 H "H1'"  . DT  A 1 5  ? 0.965   2.211   7.176   1.00 1.91 ? 5  DT  A "H1'"  1 
ATOM   157 H H3     . DT  A 1 5  ? -0.195  3.774   3.042   1.00 1.65 ? 5  DT  A H3     1 
ATOM   158 H H71    . DT  A 1 5  ? 4.627   1.727   2.441   1.00 1.78 ? 5  DT  A H71    1 
ATOM   159 H H72    . DT  A 1 5  ? 5.111   3.298   3.023   1.00 1.65 ? 5  DT  A H72    1 
ATOM   160 H H73    . DT  A 1 5  ? 4.367   3.187   1.453   1.00 1.85 ? 5  DT  A H73    1 
ATOM   161 H H6     . DT  A 1 5  ? 3.939   2.236   4.887   1.00 1.63 ? 5  DT  A H6     1 
ATOM   162 P P      . DA  A 1 6  ? 1.924   -0.897  9.525   1.00 2.48 ? 6  DA  A P      1 
ATOM   163 O OP1    . DA  A 1 6  ? 1.875   -1.030  10.992  1.00 2.63 ? 6  DA  A OP1    1 
ATOM   164 O OP2    . DA  A 1 6  ? 2.712   -1.855  8.717   1.00 2.61 ? 6  DA  A OP2    1 
ATOM   165 O "O5'"  . DA  A 1 6  ? 0.426   -0.901  8.962   1.00 2.40 ? 6  DA  A "O5'"  1 
ATOM   166 C "C5'"  . DA  A 1 6  ? -0.626  -0.173  9.609   1.00 2.36 ? 6  DA  A "C5'"  1 
ATOM   167 C "C4'"  . DA  A 1 6  ? -1.900  -0.205  8.777   1.00 2.40 ? 6  DA  A "C4'"  1 
ATOM   168 O "O4'"  . DA  A 1 6  ? -1.683  0.421   7.491   1.00 2.35 ? 6  DA  A "O4'"  1 
ATOM   169 C "C3'"  . DA  A 1 6  ? -2.368  -1.639  8.503   1.00 2.55 ? 6  DA  A "C3'"  1 
ATOM   170 O "O3'"  . DA  A 1 6  ? -3.797  -1.720  8.593   1.00 2.70 ? 6  DA  A "O3'"  1 
ATOM   171 C "C2'"  . DA  A 1 6  ? -1.782  -1.856  7.126   1.00 2.44 ? 6  DA  A "C2'"  1 
ATOM   172 C "C1'"  . DA  A 1 6  ? -1.982  -0.515  6.450   1.00 2.35 ? 6  DA  A "C1'"  1 
ATOM   173 N N9     . DA  A 1 6  ? -1.074  -0.336  5.304   1.00 2.22 ? 6  DA  A N9     1 
ATOM   174 C C8     . DA  A 1 6  ? 0.180   -0.829  5.112   1.00 2.16 ? 6  DA  A C8     1 
ATOM   175 N N7     . DA  A 1 6  ? 0.769   -0.506  4.002   1.00 2.05 ? 6  DA  A N7     1 
ATOM   176 C C5     . DA  A 1 6  ? -0.198  0.287   3.393   1.00 2.05 ? 6  DA  A C5     1 
ATOM   177 C C6     . DA  A 1 6  ? -0.218  0.960   2.175   1.00 2.01 ? 6  DA  A C6     1 
ATOM   178 N N6     . DA  A 1 6  ? 0.817   0.954   1.342   1.00 1.93 ? 6  DA  A N6     1 
ATOM   179 N N1     . DA  A 1 6  ? -1.318  1.647   1.866   1.00 2.07 ? 6  DA  A N1     1 
ATOM   180 C C2     . DA  A 1 6  ? -2.346  1.675   2.710   1.00 2.16 ? 6  DA  A C2     1 
ATOM   181 N N3     . DA  A 1 6  ? -2.444  1.085   3.886   1.00 2.20 ? 6  DA  A N3     1 
ATOM   182 C C4     . DA  A 1 6  ? -1.320  0.395   4.173   1.00 2.15 ? 6  DA  A C4     1 
ATOM   183 H "H5'"  . DA  A 1 6  ? -0.333  0.866   9.756   1.00 2.26 ? 6  DA  A "H5'"  1 
ATOM   184 H "H5''" . DA  A 1 6  ? -0.828  -0.625  10.581  1.00 2.42 ? 6  DA  A "H5''" 1 
ATOM   185 H "H4'"  . DA  A 1 6  ? -2.693  0.323   9.306   1.00 2.37 ? 6  DA  A "H4'"  1 
ATOM   186 H "H3'"  . DA  A 1 6  ? -1.959  -2.327  9.244   1.00 2.63 ? 6  DA  A "H3'"  1 
ATOM   187 H "H2'"  . DA  A 1 6  ? -0.722  -2.062  7.279   1.00 2.37 ? 6  DA  A "H2'"  1 
ATOM   188 H "H2''" . DA  A 1 6  ? -2.244  -2.657  6.550   1.00 2.49 ? 6  DA  A "H2''" 1 
ATOM   189 H "H1'"  . DA  A 1 6  ? -3.022  -0.407  6.140   1.00 2.43 ? 6  DA  A "H1'"  1 
ATOM   190 H H8     . DA  A 1 6  ? 0.656   -1.474  5.850   1.00 2.22 ? 6  DA  A H8     1 
ATOM   191 H H61    . DA  A 1 6  ? 0.686   1.360   0.426   1.00 1.91 ? 6  DA  A H61    1 
ATOM   192 H H62    . DA  A 1 6  ? 1.702   0.567   1.639   1.00 1.92 ? 6  DA  A H62    1 
ATOM   193 H H2     . DA  A 1 6  ? -3.216  2.253   2.397   1.00 2.22 ? 6  DA  A H2     1 
ATOM   194 P P      . DT  A 1 7  ? -4.712  -2.581  7.591   1.00 2.98 ? 7  DT  A P      1 
ATOM   195 O OP1    . DT  A 1 7  ? -6.035  -2.790  8.218   1.00 3.11 ? 7  DT  A OP1    1 
ATOM   196 O OP2    . DT  A 1 7  ? -3.944  -3.741  7.077   1.00 3.12 ? 7  DT  A OP2    1 
ATOM   197 O "O5'"  . DT  A 1 7  ? -4.873  -1.530  6.372   1.00 3.08 ? 7  DT  A "O5'"  1 
ATOM   198 C "C5'"  . DT  A 1 7  ? -5.796  -0.421  6.435   1.00 3.03 ? 7  DT  A "C5'"  1 
ATOM   199 C "C4'"  . DT  A 1 7  ? -6.670  -0.321  5.178   1.00 3.14 ? 7  DT  A "C4'"  1 
ATOM   200 O "O4'"  . DT  A 1 7  ? -5.867  -0.069  4.010   1.00 3.01 ? 7  DT  A "O4'"  1 
ATOM   201 C "C3'"  . DT  A 1 7  ? -7.441  -1.625  4.917   1.00 3.39 ? 7  DT  A "C3'"  1 
ATOM   202 O "O3'"  . DT  A 1 7  ? -8.625  -1.429  4.136   1.00 3.55 ? 7  DT  A "O3'"  1 
ATOM   203 C "C2'"  . DT  A 1 7  ? -6.399  -2.355  4.114   1.00 3.35 ? 7  DT  A "C2'"  1 
ATOM   204 C "C1'"  . DT  A 1 7  ? -5.840  -1.257  3.210   1.00 3.11 ? 7  DT  A "C1'"  1 
ATOM   205 N N1     . DT  A 1 7  ? -4.443  -1.426  2.749   1.00 2.93 ? 7  DT  A N1     1 
ATOM   206 C C2     . DT  A 1 7  ? -4.078  -0.720  1.611   1.00 2.79 ? 7  DT  A C2     1 
ATOM   207 O O2     . DT  A 1 7  ? -4.822  0.006   0.963   1.00 2.82 ? 7  DT  A O2     1 
ATOM   208 N N3     . DT  A 1 7  ? -2.787  -0.878  1.193   1.00 2.63 ? 7  DT  A N3     1 
ATOM   209 C C4     . DT  A 1 7  ? -1.848  -1.657  1.783   1.00 2.61 ? 7  DT  A C4     1 
ATOM   210 O O4     . DT  A 1 7  ? -0.739  -1.685  1.267   1.00 2.47 ? 7  DT  A O4     1 
ATOM   211 C C5     . DT  A 1 7  ? -2.279  -2.369  2.961   1.00 2.77 ? 7  DT  A C5     1 
ATOM   212 C C7     . DT  A 1 7  ? -1.314  -3.297  3.709   1.00 2.80 ? 7  DT  A C7     1 
ATOM   213 C C6     . DT  A 1 7  ? -3.537  -2.234  3.404   1.00 2.92 ? 7  DT  A C6     1 
ATOM   214 H "H5'"  . DT  A 1 7  ? -5.240  0.512   6.538   1.00 2.86 ? 7  DT  A "H5'"  1 
ATOM   215 H "H5''" . DT  A 1 7  ? -6.452  -0.530  7.298   1.00 3.14 ? 7  DT  A "H5''" 1 
ATOM   216 H "H4'"  . DT  A 1 7  ? -7.377  0.498   5.301   1.00 3.15 ? 7  DT  A "H4'"  1 
ATOM   217 H "H3'"  . DT  A 1 7  ? -7.695  -2.116  5.857   1.00 3.47 ? 7  DT  A "H3'"  1 
ATOM   218 H "H2'"  . DT  A 1 7  ? -5.664  -2.685  4.849   1.00 3.32 ? 7  DT  A "H2'"  1 
ATOM   219 H "H2''" . DT  A 1 7  ? -6.769  -3.215  3.556   1.00 3.50 ? 7  DT  A "H2''" 1 
ATOM   220 H "H1'"  . DT  A 1 7  ? -6.511  -1.130  2.359   1.00 3.17 ? 7  DT  A "H1'"  1 
ATOM   221 H H3     . DT  A 1 7  ? -2.487  -0.374  0.370   1.00 2.54 ? 7  DT  A H3     1 
ATOM   222 H H71    . DT  A 1 7  ? -1.310  -3.048  4.771   1.00 3.26 ? 7  DT  A H71    1 
ATOM   223 H H72    . DT  A 1 7  ? -0.293  -3.198  3.337   1.00 2.98 ? 7  DT  A H72    1 
ATOM   224 H H73    . DT  A 1 7  ? -1.649  -4.327  3.589   1.00 2.69 ? 7  DT  A H73    1 
ATOM   225 H H6     . DT  A 1 7  ? -3.774  -2.790  4.312   1.00 3.04 ? 7  DT  A H6     1 
ATOM   226 P P      . DA  A 1 8  ? -9.768  -2.546  4.062   1.00 3.81 ? 8  DA  A P      1 
ATOM   227 O OP1    . DA  A 1 8  ? -10.840 -2.194  5.017   1.00 4.03 ? 8  DA  A OP1    1 
ATOM   228 O OP2    . DA  A 1 8  ? -9.142  -3.888  4.111   1.00 3.82 ? 8  DA  A OP2    1 
ATOM   229 O "O5'"  . DA  A 1 8  ? -10.322 -2.314  2.587   1.00 3.76 ? 8  DA  A "O5'"  1 
ATOM   230 C "C5'"  . DA  A 1 8  ? -10.996 -1.142  2.103   1.00 3.83 ? 8  DA  A "C5'"  1 
ATOM   231 C "C4'"  . DA  A 1 8  ? -11.093 -1.217  0.574   1.00 4.04 ? 8  DA  A "C4'"  1 
ATOM   232 O "O4'"  . DA  A 1 8  ? -9.772  -1.167  -0.014  1.00 3.82 ? 8  DA  A "O4'"  1 
ATOM   233 C "C3'"  . DA  A 1 8  ? -11.717 -2.562  0.173   1.00 4.42 ? 8  DA  A "C3'"  1 
ATOM   234 O "O3'"  . DA  A 1 8  ? -12.418 -2.601  -1.065  1.00 4.76 ? 8  DA  A "O3'"  1 
ATOM   235 C "C2'"  . DA  A 1 8  ? -10.467 -3.389  0.087   1.00 4.31 ? 8  DA  A "C2'"  1 
ATOM   236 C "C1'"  . DA  A 1 8  ? -9.441  -2.460  -0.545  1.00 4.02 ? 8  DA  A "C1'"  1 
ATOM   237 N N9     . DA  A 1 8  ? -8.088  -2.843  -0.100  1.00 3.75 ? 8  DA  A N9     1 
ATOM   238 C C8     . DA  A 1 8  ? -7.714  -3.314  1.123   1.00 3.67 ? 8  DA  A C8     1 
ATOM   239 N N7     . DA  A 1 8  ? -6.461  -3.580  1.281   1.00 3.45 ? 8  DA  A N7     1 
ATOM   240 C C5     . DA  A 1 8  ? -5.941  -3.254  0.036   1.00 3.37 ? 8  DA  A C5     1 
ATOM   241 C C6     . DA  A 1 8  ? -4.650  -3.309  -0.457  1.00 3.16 ? 8  DA  A C6     1 
ATOM   242 N N6     . DA  A 1 8  ? -3.637  -3.724  0.289   1.00 3.00 ? 8  DA  A N6     1 
ATOM   243 N N1     . DA  A 1 8  ? -4.431  -2.924  -1.721  1.00 3.16 ? 8  DA  A N1     1 
ATOM   244 C C2     . DA  A 1 8  ? -5.460  -2.505  -2.458  1.00 3.36 ? 8  DA  A C2     1 
ATOM   245 N N3     . DA  A 1 8  ? -6.737  -2.406  -2.103  1.00 3.58 ? 8  DA  A N3     1 
ATOM   246 C C4     . DA  A 1 8  ? -6.913  -2.804  -0.819  1.00 3.56 ? 8  DA  A C4     1 
ATOM   247 H "H5'"  . DA  A 1 8  ? -10.458 -0.238  2.386   1.00 3.56 ? 8  DA  A "H5'"  1 
ATOM   248 H "H5''" . DA  A 1 8  ? -12.001 -1.115  2.525   1.00 4.04 ? 8  DA  A "H5''" 1 
ATOM   249 H "H4'"  . DA  A 1 8  ? -11.702 -0.396  0.195   1.00 4.13 ? 8  DA  A "H4'"  1 
ATOM   250 H "H3'"  . DA  A 1 8  ? -12.400 -2.901  0.952   1.00 4.51 ? 8  DA  A "H3'"  1 
ATOM   251 H "H2'"  . DA  A 1 8  ? -10.220 -3.615  1.124   1.00 4.18 ? 8  DA  A "H2'"  1 
ATOM   252 H "H2''" . DA  A 1 8  ? -10.579 -4.321  -0.467  1.00 4.59 ? 8  DA  A "H2''" 1 
ATOM   253 H "H1'"  . DA  A 1 8  ? -9.538  -2.471  -1.630  1.00 4.16 ? 8  DA  A "H1'"  1 
ATOM   254 H H8     . DA  A 1 8  ? -8.417  -3.467  1.943   1.00 3.80 ? 8  DA  A H8     1 
ATOM   255 H H61    . DA  A 1 8  ? -2.731  -3.840  -0.142  1.00 2.86 ? 8  DA  A H61    1 
ATOM   256 H H62    . DA  A 1 8  ? -3.788  -3.916  1.270   1.00 3.02 ? 8  DA  A H62    1 
ATOM   257 H H2     . DA  A 1 8  ? -5.234  -2.205  -3.481  1.00 3.37 ? 8  DA  A H2     1 
ATOM   258 P P      . DC  A 1 9  ? -13.054 -4.009  -1.548  1.00 5.18 ? 9  DC  A P      1 
ATOM   259 O OP1    . DC  A 1 9  ? -14.281 -4.246  -0.754  1.00 5.65 ? 9  DC  A OP1    1 
ATOM   260 O OP2    . DC  A 1 9  ? -12.007 -5.055  -1.581  1.00 5.38 ? 9  DC  A OP2    1 
ATOM   261 O "O5'"  . DC  A 1 9  ? -13.500 -3.667  -3.054  1.00 4.87 ? 9  DC  A "O5'"  1 
ATOM   262 C "C5'"  . DC  A 1 9  ? -12.687 -2.952  -4.002  1.00 4.78 ? 9  DC  A "C5'"  1 
ATOM   263 C "C4'"  . DC  A 1 9  ? -11.408 -3.677  -4.447  1.00 4.65 ? 9  DC  A "C4'"  1 
ATOM   264 O "O4'"  . DC  A 1 9  ? -10.371 -3.781  -3.438  1.00 4.37 ? 9  DC  A "O4'"  1 
ATOM   265 C "C3'"  . DC  A 1 9  ? -11.698 -5.107  -4.935  1.00 4.92 ? 9  DC  A "C3'"  1 
ATOM   266 O "O3'"  . DC  A 1 9  ? -11.413 -5.225  -6.335  1.00 5.04 ? 9  DC  A "O3'"  1 
ATOM   267 C "C2'"  . DC  A 1 9  ? -10.738 -5.902  -4.063  1.00 4.73 ? 9  DC  A "C2'"  1 
ATOM   268 C "C1'"  . DC  A 1 9  ? -9.606  -4.939  -3.804  1.00 4.37 ? 9  DC  A "C1'"  1 
ATOM   269 N N1     . DC  A 1 9  ? -8.632  -5.392  -2.774  1.00 4.17 ? 9  DC  A N1     1 
ATOM   270 C C2     . DC  A 1 9  ? -7.279  -5.224  -3.029  1.00 3.91 ? 9  DC  A C2     1 
ATOM   271 O O2     . DC  A 1 9  ? -6.857  -4.742  -4.076  1.00 3.85 ? 9  DC  A O2     1 
ATOM   272 N N3     . DC  A 1 9  ? -6.391  -5.621  -2.088  1.00 3.74 ? 9  DC  A N3     1 
ATOM   273 C C4     . DC  A 1 9  ? -6.791  -6.163  -0.941  1.00 3.83 ? 9  DC  A C4     1 
ATOM   274 N N4     . DC  A 1 9  ? -5.857  -6.534  -0.076  1.00 3.68 ? 9  DC  A N4     1 
ATOM   275 C C5     . DC  A 1 9  ? -8.177  -6.350  -0.655  1.00 4.10 ? 9  DC  A C5     1 
ATOM   276 C C6     . DC  A 1 9  ? -9.051  -5.949  -1.601  1.00 4.26 ? 9  DC  A C6     1 
ATOM   277 H "H5'"  . DC  A 1 9  ? -12.424 -1.973  -3.600  1.00 4.61 ? 9  DC  A "H5'"  1 
ATOM   278 H "H5''" . DC  A 1 9  ? -13.307 -2.806  -4.886  1.00 5.00 ? 9  DC  A "H5''" 1 
ATOM   279 H "H4'"  . DC  A 1 9  ? -10.991 -3.138  -5.298  1.00 4.61 ? 9  DC  A "H4'"  1 
ATOM   280 H "H3'"  . DC  A 1 9  ? -12.727 -5.396  -4.722  1.00 5.12 ? 9  DC  A "H3'"  1 
ATOM   281 H "H2'"  . DC  A 1 9  ? -11.265 -6.117  -3.133  1.00 4.78 ? 9  DC  A "H2'"  1 
ATOM   282 H "H2''" . DC  A 1 9  ? -10.373 -6.832  -4.501  1.00 4.82 ? 9  DC  A "H2''" 1 
ATOM   283 H "H1'"  . DC  A 1 9  ? -9.081  -4.749  -4.740  1.00 4.31 ? 9  DC  A "H1'"  1 
ATOM   284 H H41    . DC  A 1 9  ? -4.882  -6.420  -0.311  1.00 3.49 ? 9  DC  A H41    1 
ATOM   285 H H42    . DC  A 1 9  ? -6.107  -6.930  0.820   1.00 3.77 ? 9  DC  A H42    1 
ATOM   286 H H5     . DC  A 1 9  ? -8.512  -6.793  0.283   1.00 4.19 ? 9  DC  A H5     1 
ATOM   287 H H6     . DC  A 1 9  ? -10.121 -6.079  -1.442  1.00 4.48 ? 9  DC  A H6     1 
ATOM   288 P P      . DC  A 1 10 ? -11.012 -6.595  -7.074  1.00 5.18 ? 10 DC  A P      1 
ATOM   289 O OP1    . DC  A 1 10 ? -11.486 -6.535  -8.473  1.00 5.42 ? 10 DC  A OP1    1 
ATOM   290 O OP2    . DC  A 1 10 ? -11.379 -7.743  -6.212  1.00 5.35 ? 10 DC  A OP2    1 
ATOM   291 O "O5'"  . DC  A 1 10 ? -9.412  -6.437  -7.060  1.00 4.79 ? 10 DC  A "O5'"  1 
ATOM   292 C "C5'"  . DC  A 1 10 ? -8.760  -5.370  -7.778  1.00 4.60 ? 10 DC  A "C5'"  1 
ATOM   293 C "C4'"  . DC  A 1 10 ? -7.427  -5.824  -8.377  1.00 4.37 ? 10 DC  A "C4'"  1 
ATOM   294 O "O4'"  . DC  A 1 10 ? -6.464  -6.144  -7.348  1.00 4.20 ? 10 DC  A "O4'"  1 
ATOM   295 C "C3'"  . DC  A 1 10 ? -7.636  -7.079  -9.239  1.00 4.49 ? 10 DC  A "C3'"  1 
ATOM   296 O "O3'"  . DC  A 1 10 ? -6.800  -7.140  -10.401 1.00 4.36 ? 10 DC  A "O3'"  1 
ATOM   297 C "C2'"  . DC  A 1 10 ? -7.327  -8.142  -8.216  1.00 4.47 ? 10 DC  A "C2'"  1 
ATOM   298 C "C1'"  . DC  A 1 10 ? -6.178  -7.550  -7.415  1.00 4.24 ? 10 DC  A "C1'"  1 
ATOM   299 N N1     . DC  A 1 10 ? -6.178  -8.140  -6.060  1.00 4.22 ? 10 DC  A N1     1 
ATOM   300 C C2     . DC  A 1 10 ? -5.156  -9.024  -5.730  1.00 4.08 ? 10 DC  A C2     1 
ATOM   301 O O2     . DC  A 1 10 ? -4.242  -9.297  -6.508  1.00 3.97 ? 10 DC  A O2     1 
ATOM   302 N N3     . DC  A 1 10 ? -5.166  -9.586  -4.495  1.00 4.08 ? 10 DC  A N3     1 
ATOM   303 C C4     . DC  A 1 10 ? -6.136  -9.292  -3.620  1.00 4.21 ? 10 DC  A C4     1 
ATOM   304 N N4     . DC  A 1 10 ? -6.104  -9.865  -2.429  1.00 4.22 ? 10 DC  A N4     1 
ATOM   305 C C5     . DC  A 1 10 ? -7.191  -8.388  -3.936  1.00 4.35 ? 10 DC  A C5     1 
ATOM   306 C C6     . DC  A 1 10 ? -7.175  -7.836  -5.162  1.00 4.35 ? 10 DC  A C6     1 
ATOM   307 H "H5'"  . DC  A 1 10 ? -8.575  -4.527  -7.109  1.00 4.52 ? 10 DC  A "H5'"  1 
ATOM   308 H "H5''" . DC  A 1 10 ? -9.397  -5.031  -8.595  1.00 4.73 ? 10 DC  A "H5''" 1 
ATOM   309 H "H4'"  . DC  A 1 10 ? -7.024  -5.031  -9.006  1.00 4.27 ? 10 DC  A "H4'"  1 
ATOM   310 H "H3'"  . DC  A 1 10 ? -8.670  -7.130  -9.583  1.00 4.68 ? 10 DC  A "H3'"  1 
ATOM   311 H "H2'"  . DC  A 1 10 ? -8.213  -8.221  -7.585  1.00 4.61 ? 10 DC  A "H2'"  1 
ATOM   312 H "H2''" . DC  A 1 10 ? -7.086  -9.122  -8.625  1.00 4.50 ? 10 DC  A "H2''" 1 
ATOM   313 H "H1'"  . DC  A 1 10 ? -5.239  -7.718  -7.942  1.00 4.12 ? 10 DC  A "H1'"  1 
ATOM   314 H H41    . DC  A 1 10 ? -5.258  -10.347 -2.158  1.00 4.11 ? 10 DC  A H41    1 
ATOM   315 H H42    . DC  A 1 10 ? -6.900  -9.809  -1.811  1.00 4.35 ? 10 DC  A H42    1 
ATOM   316 H H5     . DC  A 1 10 ? -7.977  -8.155  -3.219  1.00 4.47 ? 10 DC  A H5     1 
ATOM   317 H H6     . DC  A 1 10 ? -7.986  -7.142  -5.386  1.00 4.47 ? 10 DC  A H6     1 
ATOM   318 P P      . DA  A 1 11 ? -6.822  -8.411  -11.409 1.00 4.52 ? 11 DA  A P      1 
ATOM   319 O OP1    . DA  A 1 11 ? -6.697  -7.911  -12.793 1.00 4.53 ? 11 DA  A OP1    1 
ATOM   320 O OP2    . DA  A 1 11 ? -7.948  -9.303  -11.036 1.00 4.88 ? 11 DA  A OP2    1 
ATOM   321 O "O5'"  . DA  A 1 11 ? -5.455  -9.159  -11.012 1.00 4.26 ? 11 DA  A "O5'"  1 
ATOM   322 C "C5'"  . DA  A 1 11 ? -4.153  -8.616  -11.287 1.00 3.94 ? 11 DA  A "C5'"  1 
ATOM   323 C "C4'"  . DA  A 1 11 ? -3.051  -9.666  -11.114 1.00 3.78 ? 11 DA  A "C4'"  1 
ATOM   324 O "O4'"  . DA  A 1 11 ? -2.986  -10.153 -9.757  1.00 3.72 ? 11 DA  A "O4'"  1 
ATOM   325 C "C3'"  . DA  A 1 11 ? -3.255  -10.903 -11.997 1.00 4.02 ? 11 DA  A "C3'"  1 
ATOM   326 O "O3'"  . DA  A 1 11 ? -1.975  -11.457 -12.348 1.00 3.93 ? 11 DA  A "O3'"  1 
ATOM   327 C "C2'"  . DA  A 1 11 ? -4.052  -11.758 -11.037 1.00 4.13 ? 11 DA  A "C2'"  1 
ATOM   328 C "C1'"  . DA  A 1 11 ? -3.299  -11.555 -9.739  1.00 3.91 ? 11 DA  A "C1'"  1 
ATOM   329 N N9     . DA  A 1 11 ? -4.086  -11.875 -8.540  1.00 3.98 ? 11 DA  A N9     1 
ATOM   330 C C8     . DA  A 1 11 ? -5.407  -11.687 -8.287  1.00 4.12 ? 11 DA  A C8     1 
ATOM   331 N N7     . DA  A 1 11 ? -5.828  -12.048 -7.112  1.00 4.18 ? 11 DA  A N7     1 
ATOM   332 C C5     . DA  A 1 11 ? -4.658  -12.527 -6.526  1.00 4.06 ? 11 DA  A C5     1 
ATOM   333 C C6     . DA  A 1 11 ? -4.385  -13.072 -5.268  1.00 4.07 ? 11 DA  A C6     1 
ATOM   334 N N6     . DA  A 1 11 ? -5.305  -13.222 -4.318  1.00 4.19 ? 11 DA  A N6     1 
ATOM   335 N N1     . DA  A 1 11 ? -3.117  -13.440 -5.033  1.00 3.97 ? 11 DA  A N1     1 
ATOM   336 C C2     . DA  A 1 11 ? -2.180  -13.288 -5.961  1.00 3.86 ? 11 DA  A C2     1 
ATOM   337 N N3     . DA  A 1 11 ? -2.322  -12.787 -7.173  1.00 3.84 ? 11 DA  A N3     1 
ATOM   338 C C4     . DA  A 1 11 ? -3.601  -12.424 -7.392  1.00 3.94 ? 11 DA  A C4     1 
ATOM   339 H "H5'"  . DA  A 1 11 ? -3.952  -7.792  -10.603 1.00 3.82 ? 11 DA  A "H5'"  1 
ATOM   340 H "H5''" . DA  A 1 11 ? -4.127  -8.238  -12.309 1.00 4.00 ? 11 DA  A "H5''" 1 
ATOM   341 H "H4'"  . DA  A 1 11 ? -2.093  -9.210  -11.366 1.00 3.59 ? 11 DA  A "H4'"  1 
ATOM   342 H "H3'"  . DA  A 1 11 ? -3.797  -10.652 -12.908 1.00 4.21 ? 11 DA  A "H3'"  1 
ATOM   343 H "H2'"  . DA  A 1 11 ? -5.048  -11.319 -10.970 1.00 4.27 ? 11 DA  A "H2'"  1 
ATOM   344 H "H2''" . DA  A 1 11 ? -4.129  -12.811 -11.310 1.00 4.25 ? 11 DA  A "H2''" 1 
ATOM   345 H "H1'"  . DA  A 1 11 ? -2.380  -12.141 -9.758  1.00 3.88 ? 11 DA  A "H1'"  1 
ATOM   346 H H8     . DA  A 1 11 ? -6.078  -11.260 -9.032  1.00 4.20 ? 11 DA  A H8     1 
ATOM   347 H H61    . DA  A 1 11 ? -5.051  -13.592 -3.414  1.00 4.19 ? 11 DA  A H61    1 
ATOM   348 H H62    . DA  A 1 11 ? -6.258  -12.957 -4.522  1.00 4.29 ? 11 DA  A H62    1 
ATOM   349 H H2     . DA  A 1 11 ? -1.175  -13.614 -5.694  1.00 3.80 ? 11 DA  A H2     1 
ATOM   350 P P      . DC  A 1 12 ? -1.699  -13.022 -12.645 1.00 4.17 ? 12 DC  A P      1 
ATOM   351 O OP1    . DC  A 1 12 ? -0.464  -13.128 -13.452 1.00 4.30 ? 12 DC  A OP1    1 
ATOM   352 O OP2    . DC  A 1 12 ? -2.952  -13.632 -13.143 1.00 4.39 ? 12 DC  A OP2    1 
ATOM   353 O "O5'"  . DC  A 1 12 ? -1.374  -13.628 -11.187 1.00 4.03 ? 12 DC  A "O5'"  1 
ATOM   354 C "C5'"  . DC  A 1 12 ? -0.081  -13.413 -10.589 1.00 3.94 ? 12 DC  A "C5'"  1 
ATOM   355 C "C4'"  . DC  A 1 12 ? 0.337   -14.542 -9.648  1.00 4.01 ? 12 DC  A "C4'"  1 
ATOM   356 O "O4'"  . DC  A 1 12 ? -0.604  -14.646 -8.562  1.00 3.88 ? 12 DC  A "O4'"  1 
ATOM   357 C "C3'"  . DC  A 1 12 ? 0.373   -15.933 -10.304 1.00 4.32 ? 12 DC  A "C3'"  1 
ATOM   358 O "O3'"  . DC  A 1 12 ? 1.221   -16.799 -9.535  1.00 4.33 ? 12 DC  A "O3'"  1 
ATOM   359 C "C2'"  . DC  A 1 12 ? -1.065  -16.335 -10.087 1.00 4.37 ? 12 DC  A "C2'"  1 
ATOM   360 C "C1'"  . DC  A 1 12 ? -1.255  -15.925 -8.640  1.00 4.10 ? 12 DC  A "C1'"  1 
ATOM   361 N N1     . DC  A 1 12 ? -2.647  -15.860 -8.146  1.00 4.13 ? 12 DC  A N1     1 
ATOM   362 C C2     . DC  A 1 12 ? -2.895  -16.467 -6.927  1.00 4.07 ? 12 DC  A C2     1 
ATOM   363 O O2     . DC  A 1 12 ? -2.019  -17.045 -6.286  1.00 3.98 ? 12 DC  A O2     1 
ATOM   364 N N3     . DC  A 1 12 ? -4.146  -16.421 -6.424  1.00 4.16 ? 12 DC  A N3     1 
ATOM   365 C C4     . DC  A 1 12 ? -5.128  -15.809 -7.079  1.00 4.30 ? 12 DC  A C4     1 
ATOM   366 N N4     . DC  A 1 12 ? -6.319  -15.807 -6.502  1.00 4.44 ? 12 DC  A N4     1 
ATOM   367 C C5     . DC  A 1 12 ? -4.905  -15.176 -8.343  1.00 4.36 ? 12 DC  A C5     1 
ATOM   368 C C6     . DC  A 1 12 ? -3.649  -15.227 -8.837  1.00 4.28 ? 12 DC  A C6     1 
ATOM   369 H "H5'"  . DC  A 1 12 ? -0.096  -12.484 -10.018 1.00 3.73 ? 12 DC  A "H5'"  1 
ATOM   370 H "H5''" . DC  A 1 12 ? 0.680   -13.328 -11.367 1.00 4.05 ? 12 DC  A "H5''" 1 
ATOM   371 H "H4'"  . DC  A 1 12 ? 1.324   -14.319 -9.244  1.00 3.95 ? 12 DC  A "H4'"  1 
ATOM   372 H "H3'"  . DC  A 1 12 ? 0.697   -15.904 -11.345 1.00 4.50 ? 12 DC  A "H3'"  1 
ATOM   373 H "HO3'" . DC  A 1 12 ? 1.032   -16.627 -8.611  1.00 4.12 ? 12 DC  A "HO3'" 1 
ATOM   374 H "H2'"  . DC  A 1 12 ? -1.692  -15.734 -10.746 1.00 4.41 ? 12 DC  A "H2'"  1 
ATOM   375 H "H2''" . DC  A 1 12 ? -1.257  -17.398 -10.237 1.00 4.57 ? 12 DC  A "H2''" 1 
ATOM   376 H "H1'"  . DC  A 1 12 ? -0.697  -16.633 -8.027  1.00 4.08 ? 12 DC  A "H1'"  1 
ATOM   377 H H41    . DC  A 1 12 ? -6.380  -16.192 -5.571  1.00 4.42 ? 12 DC  A H41    1 
ATOM   378 H H42    . DC  A 1 12 ? -7.122  -15.427 -6.982  1.00 4.56 ? 12 DC  A H42    1 
ATOM   379 H H5     . DC  A 1 12 ? -5.710  -14.676 -8.882  1.00 4.50 ? 12 DC  A H5     1 
ATOM   380 H H6     . DC  A 1 12 ? -3.452  -14.746 -9.795  1.00 4.36 ? 12 DC  A H6     1 
ATOM   381 O "O5'"  . DG  B 1 1  ? -4.903  -19.582 3.697   1.00 4.98 ? 1  DG  B "O5'"  1 
ATOM   382 C "C5'"  . DG  B 1 1  ? -3.813  -20.498 3.859   1.00 4.91 ? 1  DG  B "C5'"  1 
ATOM   383 C "C4'"  . DG  B 1 1  ? -2.579  -20.046 3.068   1.00 4.54 ? 1  DG  B "C4'"  1 
ATOM   384 O "O4'"  . DG  B 1 1  ? -2.908  -19.904 1.661   1.00 4.45 ? 1  DG  B "O4'"  1 
ATOM   385 C "C3'"  . DG  B 1 1  ? -2.040  -18.687 3.544   1.00 4.30 ? 1  DG  B "C3'"  1 
ATOM   386 O "O3'"  . DG  B 1 1  ? -0.597  -18.652 3.535   1.00 4.07 ? 1  DG  B "O3'"  1 
ATOM   387 C "C2'"  . DG  B 1 1  ? -2.715  -17.786 2.536   1.00 4.10 ? 1  DG  B "C2'"  1 
ATOM   388 C "C1'"  . DG  B 1 1  ? -2.606  -18.563 1.233   1.00 4.13 ? 1  DG  B "C1'"  1 
ATOM   389 N N9     . DG  B 1 1  ? -3.562  -18.068 0.222   1.00 4.15 ? 1  DG  B N9     1 
ATOM   390 C C8     . DG  B 1 1  ? -4.859  -17.717 0.395   1.00 4.31 ? 1  DG  B C8     1 
ATOM   391 N N7     . DG  B 1 1  ? -5.500  -17.307 -0.654  1.00 4.35 ? 1  DG  B N7     1 
ATOM   392 C C5     . DG  B 1 1  ? -4.521  -17.391 -1.645  1.00 4.19 ? 1  DG  B C5     1 
ATOM   393 C C6     . DG  B 1 1  ? -4.601  -17.077 -3.032  1.00 4.18 ? 1  DG  B C6     1 
ATOM   394 O O6     . DG  B 1 1  ? -5.544  -16.652 -3.699  1.00 4.31 ? 1  DG  B O6     1 
ATOM   395 N N1     . DG  B 1 1  ? -3.403  -17.302 -3.659  1.00 4.04 ? 1  DG  B N1     1 
ATOM   396 C C2     . DG  B 1 1  ? -2.264  -17.768 -3.053  1.00 3.94 ? 1  DG  B C2     1 
ATOM   397 N N2     . DG  B 1 1  ? -1.215  -17.897 -3.838  1.00 3.85 ? 1  DG  B N2     1 
ATOM   398 N N3     . DG  B 1 1  ? -2.159  -18.071 -1.764  1.00 3.95 ? 1  DG  B N3     1 
ATOM   399 C C4     . DG  B 1 1  ? -3.332  -17.857 -1.118  1.00 4.08 ? 1  DG  B C4     1 
ATOM   400 H "H5'"  . DG  B 1 1  ? -4.120  -21.480 3.500   1.00 5.08 ? 1  DG  B "H5'"  1 
ATOM   401 H "H5''" . DG  B 1 1  ? -3.558  -20.570 4.917   1.00 5.01 ? 1  DG  B "H5''" 1 
ATOM   402 H "H4'"  . DG  B 1 1  ? -1.787  -20.787 3.171   1.00 4.56 ? 1  DG  B "H4'"  1 
ATOM   403 H "H3'"  . DG  B 1 1  ? -2.364  -18.482 4.565   1.00 4.49 ? 1  DG  B "H3'"  1 
ATOM   404 H "H2'"  . DG  B 1 1  ? -3.758  -17.700 2.842   1.00 4.30 ? 1  DG  B "H2'"  1 
ATOM   405 H "H2''" . DG  B 1 1  ? -2.280  -16.789 2.461   1.00 3.85 ? 1  DG  B "H2''" 1 
ATOM   406 H "H1'"  . DG  B 1 1  ? -1.586  -18.495 0.854   1.00 4.00 ? 1  DG  B "H1'"  1 
ATOM   407 H H8     . DG  B 1 1  ? -5.308  -17.776 1.386   1.00 4.42 ? 1  DG  B H8     1 
ATOM   408 H H1     . DG  B 1 1  ? -3.434  -17.087 -4.645  1.00 4.05 ? 1  DG  B H1     1 
ATOM   409 H H21    . DG  B 1 1  ? -1.338  -17.702 -4.821  1.00 3.87 ? 1  DG  B H21    1 
ATOM   410 H H22    . DG  B 1 1  ? -0.337  -18.171 -3.420  1.00 3.80 ? 1  DG  B H22    1 
ATOM   411 H "HO5'" . DG  B 1 1  ? -5.022  -19.476 2.750   1.00 4.88 ? 1  DG  B "HO5'" 1 
ATOM   412 P P      . DT  B 1 2  ? 0.282   -17.361 3.130   1.00 3.89 ? 2  DT  B P      1 
ATOM   413 O OP1    . DT  B 1 2  ? 1.664   -17.559 3.613   1.00 3.90 ? 2  DT  B OP1    1 
ATOM   414 O OP2    . DT  B 1 2  ? -0.468  -16.136 3.497   1.00 3.79 ? 2  DT  B OP2    1 
ATOM   415 O "O5'"  . DT  B 1 2  ? 0.285   -17.502 1.527   1.00 4.04 ? 2  DT  B "O5'"  1 
ATOM   416 C "C5'"  . DT  B 1 2  ? 1.122   -18.464 0.855   1.00 4.16 ? 2  DT  B "C5'"  1 
ATOM   417 C "C4'"  . DT  B 1 2  ? 1.849   -17.824 -0.325  1.00 4.08 ? 2  DT  B "C4'"  1 
ATOM   418 O "O4'"  . DT  B 1 2  ? 0.885   -17.373 -1.300  1.00 4.19 ? 2  DT  B "O4'"  1 
ATOM   419 C "C3'"  . DT  B 1 2  ? 2.678   -16.609 0.128   1.00 3.80 ? 2  DT  B "C3'"  1 
ATOM   420 O "O3'"  . DT  B 1 2  ? 3.883   -16.400 -0.622  1.00 3.79 ? 2  DT  B "O3'"  1 
ATOM   421 C "C2'"  . DT  B 1 2  ? 1.645   -15.520 -0.053  1.00 3.67 ? 2  DT  B "C2'"  1 
ATOM   422 C "C1'"  . DT  B 1 2  ? 0.903   -15.936 -1.315  1.00 3.91 ? 2  DT  B "C1'"  1 
ATOM   423 N N1     . DT  B 1 2  ? -0.470  -15.373 -1.383  1.00 3.92 ? 2  DT  B N1     1 
ATOM   424 C C2     . DT  B 1 2  ? -0.877  -14.881 -2.611  1.00 3.90 ? 2  DT  B C2     1 
ATOM   425 O O2     . DT  B 1 2  ? -0.190  -14.885 -3.628  1.00 3.87 ? 2  DT  B O2     1 
ATOM   426 N N3     . DT  B 1 2  ? -2.138  -14.356 -2.657  1.00 3.96 ? 2  DT  B N3     1 
ATOM   427 C C4     . DT  B 1 2  ? -3.028  -14.268 -1.621  1.00 4.03 ? 2  DT  B C4     1 
ATOM   428 O O4     . DT  B 1 2  ? -4.126  -13.770 -1.838  1.00 4.11 ? 2  DT  B O4     1 
ATOM   429 C C5     . DT  B 1 2  ? -2.552  -14.791 -0.369  1.00 4.04 ? 2  DT  B C5     1 
ATOM   430 C C7     . DT  B 1 2  ? -3.452  -14.717 0.874   1.00 4.13 ? 2  DT  B C7     1 
ATOM   431 C C6     . DT  B 1 2  ? -1.315  -15.322 -0.286  1.00 3.98 ? 2  DT  B C6     1 
ATOM   432 H "H5'"  . DT  B 1 2  ? 0.507   -19.280 0.475   1.00 4.39 ? 2  DT  B "H5'"  1 
ATOM   433 H "H5''" . DT  B 1 2  ? 1.867   -18.868 1.538   1.00 4.13 ? 2  DT  B "H5''" 1 
ATOM   434 H "H4'"  . DT  B 1 2  ? 2.511   -18.561 -0.781  1.00 4.18 ? 2  DT  B "H4'"  1 
ATOM   435 H "H3'"  . DT  B 1 2  ? 2.974   -16.733 1.170   1.00 3.74 ? 2  DT  B "H3'"  1 
ATOM   436 H "H2'"  . DT  B 1 2  ? 1.001   -15.589 0.824   1.00 3.65 ? 2  DT  B "H2'"  1 
ATOM   437 H "H2''" . DT  B 1 2  ? 2.048   -14.511 -0.132  1.00 3.48 ? 2  DT  B "H2''" 1 
ATOM   438 H "H1'"  . DT  B 1 2  ? 1.492   -15.601 -2.169  1.00 3.89 ? 2  DT  B "H1'"  1 
ATOM   439 H H3     . DT  B 1 2  ? -2.450  -13.999 -3.548  1.00 3.96 ? 2  DT  B H3     1 
ATOM   440 H H71    . DT  B 1 2  ? -2.948  -14.150 1.657   1.00 4.55 ? 2  DT  B H71    1 
ATOM   441 H H72    . DT  B 1 2  ? -3.671  -15.715 1.254   1.00 4.25 ? 2  DT  B H72    1 
ATOM   442 H H73    . DT  B 1 2  ? -4.388  -14.219 0.624   1.00 4.02 ? 2  DT  B H73    1 
ATOM   443 H H6     . DT  B 1 2  ? -1.023  -15.723 0.685   1.00 4.00 ? 2  DT  B H6     1 
ATOM   444 P P      . DG  B 1 3  ? 4.758   -15.063 -0.480  1.00 3.55 ? 3  DG  B P      1 
ATOM   445 O OP1    . DG  B 1 3  ? 6.173   -15.393 -0.775  1.00 3.57 ? 3  DG  B OP1    1 
ATOM   446 O OP2    . DG  B 1 3  ? 4.404   -14.366 0.781   1.00 3.49 ? 3  DG  B OP2    1 
ATOM   447 O "O5'"  . DG  B 1 3  ? 4.140   -14.244 -1.699  1.00 3.45 ? 3  DG  B "O5'"  1 
ATOM   448 C "C5'"  . DG  B 1 3  ? 4.424   -14.613 -3.057  1.00 3.49 ? 3  DG  B "C5'"  1 
ATOM   449 C "C4'"  . DG  B 1 3  ? 3.903   -13.535 -3.980  1.00 3.34 ? 3  DG  B "C4'"  1 
ATOM   450 O "O4'"  . DG  B 1 3  ? 2.466   -13.420 -3.853  1.00 3.45 ? 3  DG  B "O4'"  1 
ATOM   451 C "C3'"  . DG  B 1 3  ? 4.507   -12.191 -3.546  1.00 3.10 ? 3  DG  B "C3'"  1 
ATOM   452 O "O3'"  . DG  B 1 3  ? 4.810   -11.335 -4.644  1.00 3.04 ? 3  DG  B "O3'"  1 
ATOM   453 C "C2'"  . DG  B 1 3  ? 3.373   -11.660 -2.714  1.00 3.08 ? 3  DG  B "C2'"  1 
ATOM   454 C "C1'"  . DG  B 1 3  ? 2.175   -12.063 -3.514  1.00 3.25 ? 3  DG  B "C1'"  1 
ATOM   455 N N9     . DG  B 1 3  ? 0.918   -11.848 -2.778  1.00 3.37 ? 3  DG  B N9     1 
ATOM   456 C C8     . DG  B 1 3  ? 0.551   -12.106 -1.487  1.00 3.46 ? 3  DG  B C8     1 
ATOM   457 N N7     . DG  B 1 3  ? -0.674  -11.775 -1.173  1.00 3.58 ? 3  DG  B N7     1 
ATOM   458 C C5     . DG  B 1 3  ? -1.154  -11.246 -2.374  1.00 3.57 ? 3  DG  B C5     1 
ATOM   459 C C6     . DG  B 1 3  ? -2.425  -10.702 -2.713  1.00 3.71 ? 3  DG  B C6     1 
ATOM   460 O O6     . DG  B 1 3  ? -3.430  -10.561 -2.021  1.00 3.87 ? 3  DG  B O6     1 
ATOM   461 N N1     . DG  B 1 3  ? -2.466  -10.296 -4.032  1.00 3.69 ? 3  DG  B N1     1 
ATOM   462 C C2     . DG  B 1 3  ? -1.431  -10.389 -4.932  1.00 3.55 ? 3  DG  B C2     1 
ATOM   463 N N2     . DG  B 1 3  ? -1.632  -9.990  -6.178  1.00 3.58 ? 3  DG  B N2     1 
ATOM   464 N N3     . DG  B 1 3  ? -0.247  -10.889 -4.619  1.00 3.41 ? 3  DG  B N3     1 
ATOM   465 C C4     . DG  B 1 3  ? -0.182  -11.296 -3.338  1.00 3.44 ? 3  DG  B C4     1 
ATOM   466 H "H5'"  . DG  B 1 3  ? 3.959   -15.566 -3.311  1.00 3.68 ? 3  DG  B "H5'"  1 
ATOM   467 H "H5''" . DG  B 1 3  ? 5.502   -14.696 -3.190  1.00 3.46 ? 3  DG  B "H5''" 1 
ATOM   468 H "H4'"  . DG  B 1 3  ? 4.180   -13.740 -5.014  1.00 3.34 ? 3  DG  B "H4'"  1 
ATOM   469 H "H3'"  . DG  B 1 3  ? 5.419   -12.333 -2.967  1.00 3.07 ? 3  DG  B "H3'"  1 
ATOM   470 H "H2'"  . DG  B 1 3  ? 3.367   -12.216 -1.776  1.00 3.17 ? 3  DG  B "H2'"  1 
ATOM   471 H "H2''" . DG  B 1 3  ? 3.403   -10.584 -2.537  1.00 2.92 ? 3  DG  B "H2''" 1 
ATOM   472 H "H1'"  . DG  B 1 3  ? 2.164   -11.476 -4.432  1.00 3.18 ? 3  DG  B "H1'"  1 
ATOM   473 H H8     . DG  B 1 3  ? 1.231   -12.557 -0.765  1.00 3.46 ? 3  DG  B H8     1 
ATOM   474 H H1     . DG  B 1 3  ? -3.358  -9.913  -4.311  1.00 3.82 ? 3  DG  B H1     1 
ATOM   475 H H21    . DG  B 1 3  ? -2.538  -9.644  -6.460  1.00 3.73 ? 3  DG  B H21    1 
ATOM   476 H H22    . DG  B 1 3  ? -0.856  -10.051 -6.820  1.00 3.47 ? 3  DG  B H22    1 
ATOM   477 P P      . DG  B 1 4  ? 5.343   -9.837  -4.399  1.00 2.62 ? 4  DG  B P      1 
ATOM   478 O OP1    . DG  B 1 4  ? 6.443   -9.595  -5.357  1.00 2.61 ? 4  DG  B OP1    1 
ATOM   479 O OP2    . DG  B 1 4  ? 5.575   -9.615  -2.950  1.00 2.42 ? 4  DG  B OP2    1 
ATOM   480 O "O5'"  . DG  B 1 4  ? 4.063   -8.952  -4.843  1.00 2.61 ? 4  DG  B "O5'"  1 
ATOM   481 C "C5'"  . DG  B 1 4  ? 3.598   -8.987  -6.205  1.00 2.83 ? 4  DG  B "C5'"  1 
ATOM   482 C "C4'"  . DG  B 1 4  ? 2.307   -8.205  -6.432  1.00 2.86 ? 4  DG  B "C4'"  1 
ATOM   483 O "O4'"  . DG  B 1 4  ? 1.239   -8.679  -5.588  1.00 2.97 ? 4  DG  B "O4'"  1 
ATOM   484 C "C3'"  . DG  B 1 4  ? 2.436   -6.710  -6.125  1.00 2.61 ? 4  DG  B "C3'"  1 
ATOM   485 O "O3'"  . DG  B 1 4  ? 3.132   -5.981  -7.162  1.00 2.55 ? 4  DG  B "O3'"  1 
ATOM   486 C "C2'"  . DG  B 1 4  ? 0.953   -6.391  -6.074  1.00 2.76 ? 4  DG  B "C2'"  1 
ATOM   487 C "C1'"  . DG  B 1 4  ? 0.286   -7.622  -5.446  1.00 2.96 ? 4  DG  B "C1'"  1 
ATOM   488 N N9     . DG  B 1 4  ? -0.221  -7.462  -4.060  1.00 2.96 ? 4  DG  B N9     1 
ATOM   489 C C8     . DG  B 1 4  ? 0.318   -7.737  -2.805  1.00 2.88 ? 4  DG  B C8     1 
ATOM   490 N N7     . DG  B 1 4  ? -0.531  -7.354  -1.796  1.00 2.95 ? 4  DG  B N7     1 
ATOM   491 C C5     . DG  B 1 4  ? -1.630  -6.843  -2.447  1.00 3.08 ? 4  DG  B C5     1 
ATOM   492 C C6     . DG  B 1 4  ? -2.816  -6.306  -1.910  1.00 3.23 ? 4  DG  B C6     1 
ATOM   493 O O6     . DG  B 1 4  ? -3.129  -6.183  -0.733  1.00 3.26 ? 4  DG  B O6     1 
ATOM   494 N N1     . DG  B 1 4  ? -3.686  -5.892  -2.896  1.00 3.37 ? 4  DG  B N1     1 
ATOM   495 C C2     . DG  B 1 4  ? -3.455  -5.977  -4.247  1.00 3.38 ? 4  DG  B C2     1 
ATOM   496 N N2     . DG  B 1 4  ? -4.424  -5.517  -5.020  1.00 3.54 ? 4  DG  B N2     1 
ATOM   497 N N3     . DG  B 1 4  ? -2.330  -6.487  -4.762  1.00 3.24 ? 4  DG  B N3     1 
ATOM   498 C C4     . DG  B 1 4  ? -1.455  -6.902  -3.807  1.00 3.09 ? 4  DG  B C4     1 
ATOM   499 H "H5'"  . DG  B 1 4  ? 3.405   -10.023 -6.486  1.00 3.05 ? 4  DG  B "H5'"  1 
ATOM   500 H "H5''" . DG  B 1 4  ? 4.369   -8.582  -6.860  1.00 2.79 ? 4  DG  B "H5''" 1 
ATOM   501 H "H4'"  . DG  B 1 4  ? 2.014   -8.316  -7.476  1.00 3.04 ? 4  DG  B "H4'"  1 
ATOM   502 H "H3'"  . DG  B 1 4  ? 2.879   -6.562  -5.140  1.00 2.46 ? 4  DG  B "H3'"  1 
ATOM   503 H "H2'"  . DG  B 1 4  ? 0.633   -5.418  -5.700  1.00 2.66 ? 4  DG  B "H2'"  1 
ATOM   504 H "H2''" . DG  B 1 4  ? 0.641   -6.228  -7.106  1.00 2.87 ? 4  DG  B "H2''" 1 
ATOM   505 H "H1'"  . DG  B 1 4  ? -0.563  -7.806  -6.104  1.00 3.12 ? 4  DG  B "H1'"  1 
ATOM   506 H H8     . DG  B 1 4  ? 1.263   -8.229  -2.574  1.00 2.79 ? 4  DG  B H8     1 
ATOM   507 H H1     . DG  B 1 4  ? -4.566  -5.515  -2.571  1.00 3.49 ? 4  DG  B H1     1 
ATOM   508 H H21    . DG  B 1 4  ? -5.239  -5.108  -4.585  1.00 3.65 ? 4  DG  B H21    1 
ATOM   509 H H22    . DG  B 1 4  ? -4.366  -5.570  -6.026  1.00 3.56 ? 4  DG  B H22    1 
ATOM   510 P P      . DT  B 1 5  ? 3.341   -4.391  -7.079  1.00 2.38 ? 5  DT  B P      1 
ATOM   511 O OP1    . DT  B 1 5  ? 4.220   -3.940  -8.178  1.00 2.42 ? 5  DT  B OP1    1 
ATOM   512 O OP2    . DT  B 1 5  ? 3.662   -4.040  -5.674  1.00 2.16 ? 5  DT  B OP2    1 
ATOM   513 O "O5'"  . DT  B 1 5  ? 1.836   -3.879  -7.359  1.00 2.52 ? 5  DT  B "O5'"  1 
ATOM   514 C "C5'"  . DT  B 1 5  ? 1.149   -4.116  -8.600  1.00 2.76 ? 5  DT  B "C5'"  1 
ATOM   515 C "C4'"  . DT  B 1 5  ? -0.138  -3.303  -8.672  1.00 2.88 ? 5  DT  B "C4'"  1 
ATOM   516 O "O4'"  . DT  B 1 5  ? -1.054  -3.564  -7.586  1.00 2.93 ? 5  DT  B "O4'"  1 
ATOM   517 C "C3'"  . DT  B 1 5  ? 0.197   -1.831  -8.593  1.00 2.76 ? 5  DT  B "C3'"  1 
ATOM   518 O "O3'"  . DT  B 1 5  ? -0.677  -1.082  -9.408  1.00 2.94 ? 5  DT  B "O3'"  1 
ATOM   519 C "C2'"  . DT  B 1 5  ? -0.023  -1.532  -7.145  1.00 2.63 ? 5  DT  B "C2'"  1 
ATOM   520 C "C1'"  . DT  B 1 5  ? -1.221  -2.393  -6.770  1.00 2.81 ? 5  DT  B "C1'"  1 
ATOM   521 N N1     . DT  B 1 5  ? -1.154  -2.818  -5.356  1.00 2.70 ? 5  DT  B N1     1 
ATOM   522 C C2     . DT  B 1 5  ? -2.245  -2.608  -4.533  1.00 2.80 ? 5  DT  B C2     1 
ATOM   523 O O2     . DT  B 1 5  ? -3.295  -2.088  -4.885  1.00 2.96 ? 5  DT  B O2     1 
ATOM   524 N N3     . DT  B 1 5  ? -2.096  -3.030  -3.238  1.00 2.72 ? 5  DT  B N3     1 
ATOM   525 C C4     . DT  B 1 5  ? -0.982  -3.628  -2.700  1.00 2.56 ? 5  DT  B C4     1 
ATOM   526 O O4     . DT  B 1 5  ? -1.029  -3.937  -1.517  1.00 2.56 ? 5  DT  B O4     1 
ATOM   527 C C5     . DT  B 1 5  ? 0.119   -3.813  -3.626  1.00 2.46 ? 5  DT  B C5     1 
ATOM   528 C C7     . DT  B 1 5  ? 1.481   -4.446  -3.256  1.00 2.31 ? 5  DT  B C7     1 
ATOM   529 C C6     . DT  B 1 5  ? -0.015  -3.410  -4.887  1.00 2.53 ? 5  DT  B C6     1 
ATOM   530 H "H5'"  . DT  B 1 5  ? 0.899   -5.168  -8.733  1.00 2.89 ? 5  DT  B "H5'"  1 
ATOM   531 H "H5''" . DT  B 1 5  ? 1.792   -3.820  -9.430  1.00 2.75 ? 5  DT  B "H5''" 1 
ATOM   532 H "H4'"  . DT  B 1 5  ? -0.644  -3.505  -9.616  1.00 3.07 ? 5  DT  B "H4'"  1 
ATOM   533 H "H3'"  . DT  B 1 5  ? 1.220   -1.645  -8.919  1.00 2.64 ? 5  DT  B "H3'"  1 
ATOM   534 H "H2'"  . DT  B 1 5  ? 0.891   -1.850  -6.643  1.00 2.47 ? 5  DT  B "H2'"  1 
ATOM   535 H "H2''" . DT  B 1 5  ? -0.207  -0.472  -6.966  1.00 2.60 ? 5  DT  B "H2''" 1 
ATOM   536 H "H1'"  . DT  B 1 5  ? -2.148  -1.872  -7.011  1.00 2.96 ? 5  DT  B "H1'"  1 
ATOM   537 H H3     . DT  B 1 5  ? -2.882  -2.892  -2.619  1.00 2.81 ? 5  DT  B H3     1 
ATOM   538 H H71    . DT  B 1 5  ? 2.271   -3.706  -3.383  1.00 2.60 ? 5  DT  B H71    1 
ATOM   539 H H72    . DT  B 1 5  ? 1.704   -5.253  -3.954  1.00 2.56 ? 5  DT  B H72    1 
ATOM   540 H H73    . DT  B 1 5  ? 1.544   -4.884  -2.259  1.00 2.27 ? 5  DT  B H73    1 
ATOM   541 H H6     . DT  B 1 5  ? 0.836   -3.606  -5.540  1.00 2.47 ? 5  DT  B H6     1 
ATOM   542 P P      . DA  B 1 6  ? -0.330  0.441   -9.740  1.00 2.87 ? 6  DA  B P      1 
ATOM   543 O OP1    . DA  B 1 6  ? -0.664  0.684   -11.154 1.00 3.14 ? 6  DA  B OP1    1 
ATOM   544 O OP2    . DA  B 1 6  ? 1.015   0.788   -9.224  1.00 2.63 ? 6  DA  B OP2    1 
ATOM   545 O "O5'"  . DA  B 1 6  ? -1.411  1.185   -8.824  1.00 2.82 ? 6  DA  B "O5'"  1 
ATOM   546 C "C5'"  . DA  B 1 6  ? -2.811  1.160   -9.135  1.00 3.12 ? 6  DA  B "C5'"  1 
ATOM   547 C "C4'"  . DA  B 1 6  ? -3.626  1.792   -8.017  1.00 3.16 ? 6  DA  B "C4'"  1 
ATOM   548 O "O4'"  . DA  B 1 6  ? -3.456  1.054   -6.785  1.00 3.01 ? 6  DA  B "O4'"  1 
ATOM   549 C "C3'"  . DA  B 1 6  ? -3.193  3.237   -7.738  1.00 3.01 ? 6  DA  B "C3'"  1 
ATOM   550 O "O3'"  . DA  B 1 6  ? -4.339  4.055   -7.475  1.00 3.19 ? 6  DA  B "O3'"  1 
ATOM   551 C "C2'"  . DA  B 1 6  ? -2.259  3.015   -6.569  1.00 2.72 ? 6  DA  B "C2'"  1 
ATOM   552 C "C1'"  . DA  B 1 6  ? -2.953  1.931   -5.771  1.00 2.82 ? 6  DA  B "C1'"  1 
ATOM   553 N N9     . DA  B 1 6  ? -2.019  1.225   -4.878  1.00 2.61 ? 6  DA  B N9     1 
ATOM   554 C C8     . DA  B 1 6  ? -0.691  0.976   -5.038  1.00 2.40 ? 6  DA  B C8     1 
ATOM   555 N N7     . DA  B 1 6  ? -0.103  0.314   -4.090  1.00 2.29 ? 6  DA  B N7     1 
ATOM   556 C C5     . DA  B 1 6  ? -1.153  0.101   -3.206  1.00 2.44 ? 6  DA  B C5     1 
ATOM   557 C C6     . DA  B 1 6  ? -1.218  -0.548  -1.975  1.00 2.47 ? 6  DA  B C6     1 
ATOM   558 N N6     . DA  B 1 6  ? -0.162  -1.141  -1.429  1.00 2.35 ? 6  DA  B N6     1 
ATOM   559 N N1     . DA  B 1 6  ? -2.398  -0.582  -1.353  1.00 2.66 ? 6  DA  B N1     1 
ATOM   560 C C2     . DA  B 1 6  ? -3.462  -0.010  -1.913  1.00 2.82 ? 6  DA  B C2     1 
ATOM   561 N N3     . DA  B 1 6  ? -3.526  0.628   -3.065  1.00 2.83 ? 6  DA  B N3     1 
ATOM   562 C C4     . DA  B 1 6  ? -2.320  0.649   -3.672  1.00 2.63 ? 6  DA  B C4     1 
ATOM   563 H "H5'"  . DA  B 1 6  ? -3.148  0.134   -9.277  1.00 3.22 ? 6  DA  B "H5'"  1 
ATOM   564 H "H5''" . DA  B 1 6  ? -2.980  1.719   -10.056 1.00 3.28 ? 6  DA  B "H5''" 1 
ATOM   565 H "H4'"  . DA  B 1 6  ? -4.680  1.793   -8.293  1.00 3.44 ? 6  DA  B "H4'"  1 
ATOM   566 H "H3'"  . DA  B 1 6  ? -2.685  3.660   -8.604  1.00 2.99 ? 6  DA  B "H3'"  1 
ATOM   567 H "H2'"  . DA  B 1 6  ? -1.324  2.650   -6.996  1.00 2.57 ? 6  DA  B "H2'"  1 
ATOM   568 H "H2''" . DA  B 1 6  ? -2.075  3.896   -5.955  1.00 2.66 ? 6  DA  B "H2''" 1 
ATOM   569 H "H1'"  . DA  B 1 6  ? -3.782  2.359   -5.205  1.00 2.97 ? 6  DA  B "H1'"  1 
ATOM   570 H H8     . DA  B 1 6  ? -0.150  1.330   -5.916  1.00 2.36 ? 6  DA  B H8     1 
ATOM   571 H H61    . DA  B 1 6  ? -0.253  -1.484  -0.483  1.00 2.41 ? 6  DA  B H61    1 
ATOM   572 H H62    . DA  B 1 6  ? 0.687   -1.253  -1.963  1.00 2.20 ? 6  DA  B H62    1 
ATOM   573 H H2     . DA  B 1 6  ? -4.394  -0.070  -1.352  1.00 2.99 ? 6  DA  B H2     1 
ATOM   574 P P      . DT  B 1 7  ? -4.388  5.192   -6.341  1.00 3.08 ? 7  DT  B P      1 
ATOM   575 O OP1    . DT  B 1 7  ? -5.516  6.104   -6.632  1.00 3.44 ? 7  DT  B OP1    1 
ATOM   576 O OP2    . DT  B 1 7  ? -3.030  5.742   -6.117  1.00 2.87 ? 7  DT  B OP2    1 
ATOM   577 O "O5'"  . DT  B 1 7  ? -4.766  4.295   -5.048  1.00 2.91 ? 7  DT  B "O5'"  1 
ATOM   578 C "C5'"  . DT  B 1 7  ? -6.112  3.837   -4.801  1.00 3.09 ? 7  DT  B "C5'"  1 
ATOM   579 C "C4'"  . DT  B 1 7  ? -6.565  4.119   -3.361  1.00 2.95 ? 7  DT  B "C4'"  1 
ATOM   580 O "O4'"  . DT  B 1 7  ? -5.750  3.402   -2.415  1.00 2.79 ? 7  DT  B "O4'"  1 
ATOM   581 C "C3'"  . DT  B 1 7  ? -6.450  5.610   -3.011  1.00 2.79 ? 7  DT  B "C3'"  1 
ATOM   582 O "O3'"  . DT  B 1 7  ? -7.323  6.005   -1.947  1.00 2.88 ? 7  DT  B "O3'"  1 
ATOM   583 C "C2'"  . DT  B 1 7  ? -5.018  5.631   -2.547  1.00 2.49 ? 7  DT  B "C2'"  1 
ATOM   584 C "C1'"  . DT  B 1 7  ? -4.911  4.340   -1.734  1.00 2.52 ? 7  DT  B "C1'"  1 
ATOM   585 N N1     . DT  B 1 7  ? -3.566  3.724   -1.649  1.00 2.33 ? 7  DT  B N1     1 
ATOM   586 C C2     . DT  B 1 7  ? -3.353  2.851   -0.589  1.00 2.31 ? 7  DT  B C2     1 
ATOM   587 O O2     . DT  B 1 7  ? -4.178  2.574   0.272   1.00 2.44 ? 7  DT  B O2     1 
ATOM   588 N N3     . DT  B 1 7  ? -2.114  2.283   -0.517  1.00 2.16 ? 7  DT  B N3     1 
ATOM   589 C C4     . DT  B 1 7  ? -1.089  2.499   -1.378  1.00 2.02 ? 7  DT  B C4     1 
ATOM   590 O O4     . DT  B 1 7  ? -0.040  1.909   -1.156  1.00 1.90 ? 7  DT  B O4     1 
ATOM   591 C C5     . DT  B 1 7  ? -1.361  3.413   -2.459  1.00 2.05 ? 7  DT  B C5     1 
ATOM   592 C C7     . DT  B 1 7  ? -0.275  3.753   -3.487  1.00 1.95 ? 7  DT  B C7     1 
ATOM   593 C C6     . DT  B 1 7  ? -2.569  3.986   -2.564  1.00 2.20 ? 7  DT  B C6     1 
ATOM   594 H "H5'"  . DT  B 1 7  ? -6.170  2.762   -4.973  1.00 3.22 ? 7  DT  B "H5'"  1 
ATOM   595 H "H5''" . DT  B 1 7  ? -6.806  4.334   -5.479  1.00 3.26 ? 7  DT  B "H5''" 1 
ATOM   596 H "H4'"  . DT  B 1 7  ? -7.600  3.799   -3.247  1.00 3.13 ? 7  DT  B "H4'"  1 
ATOM   597 H "H3'"  . DT  B 1 7  ? -6.635  6.227   -3.890  1.00 2.85 ? 7  DT  B "H3'"  1 
ATOM   598 H "H2'"  . DT  B 1 7  ? -4.430  5.582   -3.463  1.00 2.48 ? 7  DT  B "H2'"  1 
ATOM   599 H "H2''" . DT  B 1 7  ? -4.734  6.515   -1.976  1.00 2.35 ? 7  DT  B "H2''" 1 
ATOM   600 H "H1'"  . DT  B 1 7  ? -5.312  4.522   -0.737  1.00 2.55 ? 7  DT  B "H1'"  1 
ATOM   601 H H3     . DT  B 1 7  ? -1.926  1.640   0.238   1.00 2.16 ? 7  DT  B H3     1 
ATOM   602 H H71    . DT  B 1 7  ? -0.667  3.615   -4.496  1.00 2.43 ? 7  DT  B H71    1 
ATOM   603 H H72    . DT  B 1 7  ? 0.599   3.111   -3.376  1.00 2.30 ? 7  DT  B H72    1 
ATOM   604 H H73    . DT  B 1 7  ? 0.017   4.795   -3.362  1.00 1.74 ? 7  DT  B H73    1 
ATOM   605 H H6     . DT  B 1 7  ? -2.699  4.647   -3.422  1.00 2.25 ? 7  DT  B H6     1 
ATOM   606 P P      . DA  B 1 8  ? -7.656  7.545   -1.671  1.00 2.70 ? 8  DA  B P      1 
ATOM   607 O OP1    . DA  B 1 8  ? -8.953  7.874   -2.301  1.00 2.93 ? 8  DA  B OP1    1 
ATOM   608 O OP2    . DA  B 1 8  ? -6.458  8.365   -1.969  1.00 2.50 ? 8  DA  B OP2    1 
ATOM   609 O "O5'"  . DA  B 1 8  ? -7.863  7.531   -0.094  1.00 2.51 ? 8  DA  B "O5'"  1 
ATOM   610 C "C5'"  . DA  B 1 8  ? -8.905  6.850   0.627   1.00 2.61 ? 8  DA  B "C5'"  1 
ATOM   611 C "C4'"  . DA  B 1 8  ? -8.564  6.855   2.122   1.00 2.46 ? 8  DA  B "C4'"  1 
ATOM   612 O "O4'"  . DA  B 1 8  ? -7.364  6.082   2.366   1.00 2.38 ? 8  DA  B "O4'"  1 
ATOM   613 C "C3'"  . DA  B 1 8  ? -8.274  8.296   2.569   1.00 2.26 ? 8  DA  B "C3'"  1 
ATOM   614 O "O3'"  . DA  B 1 8  ? -8.517  8.606   3.936   1.00 2.27 ? 8  DA  B "O3'"  1 
ATOM   615 C "C2'"  . DA  B 1 8  ? -6.800  8.342   2.282   1.00 2.09 ? 8  DA  B "C2'"  1 
ATOM   616 C "C1'"  . DA  B 1 8  ? -6.289  6.971   2.703   1.00 2.11 ? 8  DA  B "C1'"  1 
ATOM   617 N N9     . DA  B 1 8  ? -5.096  6.624   1.910   1.00 2.01 ? 8  DA  B N9     1 
ATOM   618 C C8     . DA  B 1 8  ? -4.849  6.917   0.602   1.00 2.05 ? 8  DA  B C8     1 
ATOM   619 N N7     . DA  B 1 8  ? -3.727  6.503   0.118   1.00 1.97 ? 8  DA  B N7     1 
ATOM   620 C C5     . DA  B 1 8  ? -3.163  5.865   1.215   1.00 1.86 ? 8  DA  B C5     1 
ATOM   621 C C6     . DA  B 1 8  ? -1.958  5.203   1.366   1.00 1.74 ? 8  DA  B C6     1 
ATOM   622 N N6     . DA  B 1 8  ? -1.099  5.082   0.364   1.00 1.72 ? 8  DA  B N6     1 
ATOM   623 N N1     . DA  B 1 8  ? -1.664  4.673   2.560   1.00 1.69 ? 8  DA  B N1     1 
ATOM   624 C C2     . DA  B 1 8  ? -2.540  4.799   3.557   1.00 1.76 ? 8  DA  B C2     1 
ATOM   625 N N3     . DA  B 1 8  ? -3.723  5.406   3.539   1.00 1.85 ? 8  DA  B N3     1 
ATOM   626 C C4     . DA  B 1 8  ? -3.978  5.927   2.315   1.00 1.89 ? 8  DA  B C4     1 
ATOM   627 H "H5'"  . DA  B 1 8  ? -9.006  5.822   0.283   1.00 2.76 ? 8  DA  B "H5'"  1 
ATOM   628 H "H5''" . DA  B 1 8  ? -9.843  7.382   0.472   1.00 2.68 ? 8  DA  B "H5''" 1 
ATOM   629 H "H4'"  . DA  B 1 8  ? -9.395  6.448   2.698   1.00 2.59 ? 8  DA  B "H4'"  1 
ATOM   630 H "H3'"  . DA  B 1 8  ? -8.847  8.997   1.962   1.00 2.30 ? 8  DA  B "H3'"  1 
ATOM   631 H "H2'"  . DA  B 1 8  ? -6.738  8.479   1.202   1.00 2.15 ? 8  DA  B "H2'"  1 
ATOM   632 H "H2''" . DA  B 1 8  ? -6.268  9.154   2.779   1.00 1.98 ? 8  DA  B "H2''" 1 
ATOM   633 H "H1'"  . DA  B 1 8  ? -6.092  6.953   3.775   1.00 2.06 ? 8  DA  B "H1'"  1 
ATOM   634 H H8     . DA  B 1 8  ? -5.546  7.472   -0.025  1.00 2.17 ? 8  DA  B H8     1 
ATOM   635 H H61    . DA  B 1 8  ? -0.192  4.678   0.547   1.00 1.65 ? 8  DA  B H61    1 
ATOM   636 H H62    . DA  B 1 8  ? -1.366  5.393   -0.559  1.00 1.81 ? 8  DA  B H62    1 
ATOM   637 H H2     . DA  B 1 8  ? -2.257  4.352   4.511   1.00 1.75 ? 8  DA  B H2     1 
ATOM   638 P P      . DC  B 1 9  ? -8.182  10.101  4.460   1.00 2.17 ? 9  DC  B P      1 
ATOM   639 O OP1    . DC  B 1 9  ? -9.258  10.998  3.982   1.00 2.44 ? 9  DC  B OP1    1 
ATOM   640 O OP2    . DC  B 1 9  ? -6.774  10.442  4.158   1.00 2.37 ? 9  DC  B OP2    1 
ATOM   641 O "O5'"  . DC  B 1 9  ? -8.349  9.935   6.051   1.00 1.87 ? 9  DC  B "O5'"  1 
ATOM   642 C "C5'"  . DC  B 1 9  ? -7.823  8.835   6.815   1.00 1.93 ? 9  DC  B "C5'"  1 
ATOM   643 C "C4'"  . DC  B 1 9  ? -6.289  8.752   6.875   1.00 1.78 ? 9  DC  B "C4'"  1 
ATOM   644 O "O4'"  . DC  B 1 9  ? -5.641  8.372   5.635   1.00 1.68 ? 9  DC  B "O4'"  1 
ATOM   645 C "C3'"  . DC  B 1 9  ? -5.660  10.085  7.317   1.00 1.69 ? 9  DC  B "C3'"  1 
ATOM   646 O "O3'"  . DC  B 1 9  ? -5.018  9.936   8.591   1.00 1.78 ? 9  DC  B "O3'"  1 
ATOM   647 C "C2'"  . DC  B 1 9  ? -4.679  10.324  6.180   1.00 1.54 ? 9  DC  B "C2'"  1 
ATOM   648 C "C1'"  . DC  B 1 9  ? -4.321  8.934   5.716   1.00 1.53 ? 9  DC  B "C1'"  1 
ATOM   649 N N1     . DC  B 1 9  ? -3.546  8.885   4.446   1.00 1.42 ? 9  DC  B N1     1 
ATOM   650 C C2     . DC  B 1 9  ? -2.466  8.019   4.369   1.00 1.36 ? 9  DC  B C2     1 
ATOM   651 O O2     . DC  B 1 9  ? -2.112  7.314   5.309   1.00 1.39 ? 9  DC  B O2     1 
ATOM   652 N N3     . DC  B 1 9  ? -1.768  7.961   3.211   1.00 1.29 ? 9  DC  B N3     1 
ATOM   653 C C4     . DC  B 1 9  ? -2.097  8.713   2.163   1.00 1.32 ? 9  DC  B C4     1 
ATOM   654 N N4     . DC  B 1 9  ? -1.356  8.603   1.069   1.00 1.31 ? 9  DC  B N4     1 
ATOM   655 C C5     . DC  B 1 9  ? -3.202  9.614   2.218   1.00 1.39 ? 9  DC  B C5     1 
ATOM   656 C C6     . DC  B 1 9  ? -3.889  9.660   3.379   1.00 1.43 ? 9  DC  B C6     1 
ATOM   657 H "H5'"  . DC  B 1 9  ? -8.218  7.894   6.431   1.00 2.03 ? 9  DC  B "H5'"  1 
ATOM   658 H "H5''" . DC  B 1 9  ? -8.186  8.970   7.835   1.00 2.02 ? 9  DC  B "H5''" 1 
ATOM   659 H "H4'"  . DC  B 1 9  ? -6.020  8.016   7.632   1.00 1.86 ? 9  DC  B "H4'"  1 
ATOM   660 H "H3'"  . DC  B 1 9  ? -6.403  10.883  7.347   1.00 1.71 ? 9  DC  B "H3'"  1 
ATOM   661 H "H2'"  . DC  B 1 9  ? -5.229  10.847  5.398   1.00 1.55 ? 9  DC  B "H2'"  1 
ATOM   662 H "H2''" . DC  B 1 9  ? -3.788  10.892  6.445   1.00 1.50 ? 9  DC  B "H2''" 1 
ATOM   663 H "H1'"  . DC  B 1 9  ? -3.759  8.430   6.503   1.00 1.54 ? 9  DC  B "H1'"  1 
ATOM   664 H H41    . DC  B 1 9  ? -0.561  7.980   1.062   1.00 1.29 ? 9  DC  B H41    1 
ATOM   665 H H42    . DC  B 1 9  ? -1.577  9.134   0.237   1.00 1.36 ? 9  DC  B H42    1 
ATOM   666 H H5     . DC  B 1 9  ? -3.478  10.232  1.365   1.00 1.45 ? 9  DC  B H5     1 
ATOM   667 H H6     . DC  B 1 9  ? -4.735  10.341  3.482   1.00 1.50 ? 9  DC  B H6     1 
ATOM   668 P P      . DC  B 1 10 ? -3.794  10.839  9.107   1.00 1.74 ? 10 DC  B P      1 
ATOM   669 O OP1    . DC  B 1 10 ? -3.863  10.936  10.580  1.00 1.90 ? 10 DC  B OP1    1 
ATOM   670 O OP2    . DC  B 1 10 ? -3.708  12.070  8.284   1.00 1.66 ? 10 DC  B OP2    1 
ATOM   671 O "O5'"  . DC  B 1 10 ? -2.572  9.872   8.706   1.00 1.67 ? 10 DC  B "O5'"  1 
ATOM   672 C "C5'"  . DC  B 1 10 ? -2.418  8.573   9.313   1.00 1.73 ? 10 DC  B "C5'"  1 
ATOM   673 C "C4'"  . DC  B 1 10 ? -0.944  8.223   9.527   1.00 1.63 ? 10 DC  B "C4'"  1 
ATOM   674 O "O4'"  . DC  B 1 10 ? -0.246  8.067   8.272   1.00 1.47 ? 10 DC  B "O4'"  1 
ATOM   675 C "C3'"  . DC  B 1 10 ? -0.246  9.338   10.324  1.00 1.61 ? 10 DC  B "C3'"  1 
ATOM   676 O "O3'"  . DC  B 1 10 ? 0.758   8.871   11.233  1.00 1.64 ? 10 DC  B "O3'"  1 
ATOM   677 C "C2'"  . DC  B 1 10 ? 0.305   10.153  9.182   1.00 1.45 ? 10 DC  B "C2'"  1 
ATOM   678 C "C1'"  . DC  B 1 10 ? 0.737   9.108   8.165   1.00 1.36 ? 10 DC  B "C1'"  1 
ATOM   679 N N1     . DC  B 1 10 ? 0.707   9.708   6.815   1.00 1.25 ? 10 DC  B N1     1 
ATOM   680 C C2     . DC  B 1 10 ? 1.919   9.950   6.179   1.00 1.17 ? 10 DC  B C2     1 
ATOM   681 O O2     . DC  B 1 10 ? 3.002   9.651   6.682   1.00 1.20 ? 10 DC  B O2     1 
ATOM   682 N N3     . DC  B 1 10 ? 1.896   10.522  4.948   1.00 1.10 ? 10 DC  B N3     1 
ATOM   683 C C4     . DC  B 1 10 ? 0.735   10.839  4.366   1.00 1.10 ? 10 DC  B C4     1 
ATOM   684 N N4     . DC  B 1 10 ? 0.764   11.395  3.166   1.00 1.07 ? 10 DC  B N4     1 
ATOM   685 C C5     . DC  B 1 10 ? -0.519  10.598  4.997   1.00 1.20 ? 10 DC  B C5     1 
ATOM   686 C C6     . DC  B 1 10 ? -0.489  10.033  6.216   1.00 1.27 ? 10 DC  B C6     1 
ATOM   687 H "H5'"  . DC  B 1 10 ? -2.872  7.809   8.682   1.00 1.76 ? 10 DC  B "H5'"  1 
ATOM   688 H "H5''" . DC  B 1 10 ? -2.911  8.559   10.285  1.00 1.86 ? 10 DC  B "H5''" 1 
ATOM   689 H "H4'"  . DC  B 1 10 ? -0.871  7.294   10.092  1.00 1.71 ? 10 DC  B "H4'"  1 
ATOM   690 H "H3'"  . DC  B 1 10 ? -0.978  9.895   10.910  1.00 1.69 ? 10 DC  B "H3'"  1 
ATOM   691 H "H2'"  . DC  B 1 10 ? -0.533  10.728  8.788   1.00 1.45 ? 10 DC  B "H2'"  1 
ATOM   692 H "H2''" . DC  B 1 10 ? 1.115   10.833  9.448   1.00 1.43 ? 10 DC  B "H2''" 1 
ATOM   693 H "H1'"  . DC  B 1 10 ? 1.722   8.724   8.429   1.00 1.36 ? 10 DC  B "H1'"  1 
ATOM   694 H H41    . DC  B 1 10 ? 1.638   11.385  2.659   1.00 1.04 ? 10 DC  B H41    1 
ATOM   695 H H42    . DC  B 1 10 ? -0.069  11.808  2.770   1.00 1.09 ? 10 DC  B H42    1 
ATOM   696 H H5     . DC  B 1 10 ? -1.461  10.862  4.516   1.00 1.26 ? 10 DC  B H5     1 
ATOM   697 H H6     . DC  B 1 10 ? -1.457  9.849   6.685   1.00 1.38 ? 10 DC  B H6     1 
ATOM   698 P P      . DA  B 1 11 ? 1.653   9.892   12.121  1.00 1.73 ? 11 DA  B P      1 
ATOM   699 O OP1    . DA  B 1 11 ? 1.838   9.302   13.463  1.00 1.83 ? 11 DA  B OP1    1 
ATOM   700 O OP2    . DA  B 1 11 ? 1.106   11.262  11.978  1.00 1.85 ? 11 DA  B OP2    1 
ATOM   701 O "O5'"  . DA  B 1 11 ? 3.059   9.844   11.345  1.00 1.61 ? 11 DA  B "O5'"  1 
ATOM   702 C "C5'"  . DA  B 1 11 ? 3.907   8.684   11.326  1.00 1.53 ? 11 DA  B "C5'"  1 
ATOM   703 C "C4'"  . DA  B 1 11 ? 5.312   9.015   10.810  1.00 1.53 ? 11 DA  B "C4'"  1 
ATOM   704 O "O4'"  . DA  B 1 11 ? 5.281   9.492   9.448   1.00 1.60 ? 11 DA  B "O4'"  1 
ATOM   705 C "C3'"  . DA  B 1 11 ? 6.010   10.109  11.625  1.00 1.50 ? 11 DA  B "C3'"  1 
ATOM   706 O "O3'"  . DA  B 1 11 ? 7.431   9.888   11.606  1.00 1.48 ? 11 DA  B "O3'"  1 
ATOM   707 C "C2'"  . DA  B 1 11 ? 5.566   11.321  10.835  1.00 1.55 ? 11 DA  B "C2'"  1 
ATOM   708 C "C1'"  . DA  B 1 11 ? 5.752   10.849  9.409   1.00 1.52 ? 11 DA  B "C1'"  1 
ATOM   709 N N9     . DA  B 1 11 ? 4.978   11.616  8.424   1.00 1.40 ? 11 DA  B N9     1 
ATOM   710 C C8     . DA  B 1 11 ? 3.738   12.164  8.521   1.00 1.39 ? 11 DA  B C8     1 
ATOM   711 N N7     . DA  B 1 11 ? 3.291   12.773  7.465   1.00 1.28 ? 11 DA  B N7     1 
ATOM   712 C C5     . DA  B 1 11 ? 4.350   12.614  6.573   1.00 1.21 ? 11 DA  B C5     1 
ATOM   713 C C6     . DA  B 1 11 ? 4.544   13.025  5.252   1.00 1.11 ? 11 DA  B C6     1 
ATOM   714 N N6     . DA  B 1 11 ? 3.634   13.700  4.553   1.00 1.02 ? 11 DA  B N6     1 
ATOM   715 N N1     . DA  B 1 11 ? 5.713   12.694  4.683   1.00 1.13 ? 11 DA  B N1     1 
ATOM   716 C C2     . DA  B 1 11 ? 6.629   12.009  5.358   1.00 1.22 ? 11 DA  B C2     1 
ATOM   717 N N3     . DA  B 1 11 ? 6.554   11.571  6.600   1.00 1.30 ? 11 DA  B N3     1 
ATOM   718 C C4     . DA  B 1 11 ? 5.374   11.914  7.155   1.00 1.29 ? 11 DA  B C4     1 
ATOM   719 H "H5'"  . DA  B 1 11 ? 3.472   7.927   10.673  1.00 1.56 ? 11 DA  B "H5'"  1 
ATOM   720 H "H5''" . DA  B 1 11 ? 3.987   8.275   12.334  1.00 1.48 ? 11 DA  B "H5''" 1 
ATOM   721 H "H4'"  . DA  B 1 11 ? 5.919   8.110   10.847  1.00 1.49 ? 11 DA  B "H4'"  1 
ATOM   722 H "H3'"  . DA  B 1 11 ? 5.663   10.112  12.658  1.00 1.47 ? 11 DA  B "H3'"  1 
ATOM   723 H "H2'"  . DA  B 1 11 ? 4.507   11.471  11.049  1.00 1.58 ? 11 DA  B "H2'"  1 
ATOM   724 H "H2''" . DA  B 1 11 ? 6.119   12.237  11.043  1.00 1.57 ? 11 DA  B "H2''" 1 
ATOM   725 H "H1'"  . DA  B 1 11 ? 6.813   10.867  9.157   1.00 1.51 ? 11 DA  B "H1'"  1 
ATOM   726 H H8     . DA  B 1 11 ? 3.152   12.096  9.437   1.00 1.49 ? 11 DA  B H8     1 
ATOM   727 H H61    . DA  B 1 11 ? 3.811   13.946  3.589   1.00 0.96 ? 11 DA  B H61    1 
ATOM   728 H H62    . DA  B 1 11 ? 2.768   13.956  5.006   1.00 1.05 ? 11 DA  B H62    1 
ATOM   729 H H2     . DA  B 1 11 ? 7.554   11.782  4.826   1.00 1.27 ? 11 DA  B H2     1 
ATOM   730 P P      . DC  B 1 12 ? 8.545   11.053  11.713  1.00 1.43 ? 12 DC  B P      1 
ATOM   731 O OP1    . DC  B 1 12 ? 9.809   10.443  12.177  1.00 1.53 ? 12 DC  B OP1    1 
ATOM   732 O OP2    . DC  B 1 12 ? 7.964   12.191  12.463  1.00 1.35 ? 12 DC  B OP2    1 
ATOM   733 O "O5'"  . DC  B 1 12 ? 8.764   11.505  10.181  1.00 1.52 ? 12 DC  B "O5'"  1 
ATOM   734 C "C5'"  . DC  B 1 12 ? 9.560   10.690  9.297   1.00 1.58 ? 12 DC  B "C5'"  1 
ATOM   735 C "C4'"  . DC  B 1 12 ? 10.254  11.501  8.203   1.00 1.37 ? 12 DC  B "C4'"  1 
ATOM   736 O "O4'"  . DC  B 1 12 ? 9.271   12.157  7.381   1.00 1.13 ? 12 DC  B "O4'"  1 
ATOM   737 C "C3'"  . DC  B 1 12 ? 11.171  12.620  8.730   1.00 1.35 ? 12 DC  B "C3'"  1 
ATOM   738 O "O3'"  . DC  B 1 12 ? 12.125  12.968  7.714   1.00 1.36 ? 12 DC  B "O3'"  1 
ATOM   739 C "C2'"  . DC  B 1 12 ? 10.154  13.725  8.849   1.00 1.14 ? 12 DC  B "C2'"  1 
ATOM   740 C "C1'"  . DC  B 1 12 ? 9.425   13.578  7.527   1.00 0.98 ? 12 DC  B "C1'"  1 
ATOM   741 N N1     . DC  B 1 12 ? 8.133   14.285  7.401   1.00 0.83 ? 12 DC  B N1     1 
ATOM   742 C C2     . DC  B 1 12 ? 7.941   15.017  6.241   1.00 0.63 ? 12 DC  B C2     1 
ATOM   743 O O2     . DC  B 1 12 ? 8.800   15.097  5.363   1.00 0.62 ? 12 DC  B O2     1 
ATOM   744 N N3     . DC  B 1 12 ? 6.771   15.666  6.071   1.00 0.52 ? 12 DC  B N3     1 
ATOM   745 C C4     . DC  B 1 12 ? 5.813   15.610  6.991   1.00 0.60 ? 12 DC  B C4     1 
ATOM   746 N N4     . DC  B 1 12 ? 4.698   16.270  6.731   1.00 0.51 ? 12 DC  B N4     1 
ATOM   747 C C5     . DC  B 1 12 ? 5.980   14.864  8.202   1.00 0.85 ? 12 DC  B C5     1 
ATOM   748 C C6     . DC  B 1 12 ? 7.155   14.218  8.363   1.00 0.95 ? 12 DC  B C6     1 
ATOM   749 H "H5'"  . DC  B 1 12 ? 8.921   9.950   8.816   1.00 1.64 ? 12 DC  B "H5'"  1 
ATOM   750 H "H5''" . DC  B 1 12 ? 10.329  10.167  9.864   1.00 1.77 ? 12 DC  B "H5''" 1 
ATOM   751 H "H4'"  . DC  B 1 12 ? 10.844  10.824  7.584   1.00 1.49 ? 12 DC  B "H4'"  1 
ATOM   752 H "H3'"  . DC  B 1 12 ? 11.679  12.351  9.656   1.00 1.50 ? 12 DC  B "H3'"  1 
ATOM   753 H "HO3'" . DC  B 1 12 ? 11.649  12.986  6.879   1.00 1.40 ? 12 DC  B "HO3'" 1 
ATOM   754 H "H2'"  . DC  B 1 12 ? 9.492   13.493  9.683   1.00 1.19 ? 12 DC  B "H2'"  1 
ATOM   755 H "H2''" . DC  B 1 12 ? 10.588  14.718  8.965   1.00 1.12 ? 12 DC  B "H2''" 1 
ATOM   756 H "H1'"  . DC  B 1 12 ? 10.097  13.934  6.747   1.00 0.92 ? 12 DC  B "H1'"  1 
ATOM   757 H H41    . DC  B 1 12 ? 4.617   16.696  5.819   1.00 0.39 ? 12 DC  B H41    1 
ATOM   758 H H42    . DC  B 1 12 ? 3.963   16.331  7.422   1.00 0.59 ? 12 DC  B H42    1 
ATOM   759 H H5     . DC  B 1 12 ? 5.197   14.821  8.959   1.00 0.97 ? 12 DC  B H5     1 
ATOM   760 H H6     . DC  B 1 12 ? 7.303   13.638  9.273   1.00 1.16 ? 12 DC  B H6     1 
HETATM 761 C C1     . DAJ C 2 .  ? 2.451   3.202   -1.017  1.00 1.60 ? 13 DAJ A C1     1 
HETATM 762 C C2     . DAJ C 2 .  ? 2.912   1.771   -1.380  1.00 1.75 ? 13 DAJ A C2     1 
HETATM 763 N N1     . DAJ C 2 .  ? 1.940   0.974   -2.208  1.00 1.94 ? 13 DAJ A N1     1 
HETATM 764 C C3     . DAJ C 2 .  ? 4.239   1.877   -2.144  1.00 1.68 ? 13 DAJ A C3     1 
HETATM 765 N N2     . DAJ C 2 .  ? 4.712   3.175   -1.674  1.00 1.45 ? 13 DAJ A N2     1 
HETATM 766 C C4     . DAJ C 2 .  ? 3.798   3.980   -1.115  1.00 1.39 ? 13 DAJ A C4     1 
HETATM 767 C C12    . DAJ C 2 .  ? 5.877   3.890   -1.737  1.00 1.30 ? 13 DAJ A C12    1 
HETATM 768 C C11    . DAJ C 2 .  ? 5.662   5.128   -1.178  1.00 1.16 ? 13 DAJ A C11    1 
HETATM 769 O O1     . DAJ C 2 .  ? 7.316   2.376   -2.717  1.00 1.46 ? 13 DAJ A O1     1 
HETATM 770 C C5     . DAJ C 2 .  ? 7.151   3.507   -2.261  1.00 1.32 ? 13 DAJ A C5     1 
HETATM 771 C C6     . DAJ C 2 .  ? 8.233   4.451   -2.194  1.00 1.24 ? 13 DAJ A C6     1 
HETATM 772 C C13    . DAJ C 2 .  ? 9.634   4.070   -2.714  1.00 1.33 ? 13 DAJ A C13    1 
HETATM 773 C C7     . DAJ C 2 .  ? 8.002   5.748   -1.639  1.00 1.14 ? 13 DAJ A C7     1 
HETATM 774 N N3     . DAJ C 2 .  ? 9.000   6.627   -1.627  1.00 1.18 ? 13 DAJ A N3     1 
HETATM 775 O O2     . DAJ C 2 .  ? 6.470   7.234   -0.684  1.00 1.01 ? 13 DAJ A O2     1 
HETATM 776 C C8     . DAJ C 2 .  ? 6.698   6.119   -1.148  1.00 1.07 ? 13 DAJ A C8     1 
HETATM 777 C C9     . DAJ C 2 .  ? 4.330   5.214   -0.800  1.00 1.20 ? 13 DAJ A C9     1 
HETATM 778 C C10    . DAJ C 2 .  ? 3.660   6.455   -0.146  1.00 1.12 ? 13 DAJ A C10    1 
HETATM 779 H H11    . DAJ C 2 .  ? 2.015   3.163   -0.018  1.00 1.62 ? 13 DAJ A H11    1 
HETATM 780 H H12    . DAJ C 2 .  ? 1.624   3.468   -1.675  1.00 1.68 ? 13 DAJ A H12    1 
HETATM 781 H H2     . DAJ C 2 .  ? 3.046   1.325   -0.395  1.00 1.77 ? 13 DAJ A H2     1 
HETATM 782 H HN1    . DAJ C 2 .  ? 1.011   1.138   -1.848  1.00 2.14 ? 13 DAJ A HN1    1 
HETATM 783 H HN2    . DAJ C 2 .  ? 2.174   -0.009  -2.207  1.00 2.13 ? 13 DAJ A HN2    1 
HETATM 784 H HN3    . DAJ C 2 .  ? 1.936   1.274   -3.172  1.00 2.13 ? 13 DAJ A HN3    1 
HETATM 785 H H31    . DAJ C 2 .  ? 4.064   1.997   -3.213  1.00 1.77 ? 13 DAJ A H31    1 
HETATM 786 H H32    . DAJ C 2 .  ? 4.910   1.037   -1.963  1.00 1.74 ? 13 DAJ A H32    1 
HETATM 787 H H131   . DAJ C 2 .  ? 10.016  4.866   -3.352  1.00 1.59 ? 13 DAJ A H131   1 
HETATM 788 H H132   . DAJ C 2 .  ? 9.592   3.144   -3.289  1.00 1.77 ? 13 DAJ A H132   1 
HETATM 789 H H133   . DAJ C 2 .  ? 10.308  3.937   -1.867  1.00 1.64 ? 13 DAJ A H133   1 
HETATM 790 H HN4    . DAJ C 2 .  ? 8.886   7.546   -1.223  1.00 1.25 ? 13 DAJ A HN4    1 
HETATM 791 H HN5    . DAJ C 2 .  ? 9.924   6.330   -1.908  1.00 1.27 ? 13 DAJ A HN5    1 
HETATM 792 H H101   . DAJ C 2 .  ? 4.100   7.374   -0.534  1.00 1.04 ? 13 DAJ A H101   1 
HETATM 793 H H102   . DAJ C 2 .  ? 2.603   6.487   -0.407  1.00 1.19 ? 13 DAJ A H102   1 
HETATM 794 C C1     . DAJ D 2 .  ? 0.593   -4.084  0.597   1.00 2.37 ? 13 DAJ B C1     1 
HETATM 795 C C2     . DAJ D 2 .  ? 1.801   -3.125  0.719   1.00 2.11 ? 13 DAJ B C2     1 
HETATM 796 N N1     . DAJ D 2 .  ? 1.636   -2.003  1.707   1.00 2.04 ? 13 DAJ B N1     1 
HETATM 797 C C3     . DAJ D 2 .  ? 3.032   -3.955  1.114   1.00 2.04 ? 13 DAJ B C3     1 
HETATM 798 N N2     . DAJ D 2 .  ? 2.625   -5.274  0.639   1.00 2.27 ? 13 DAJ B N2     1 
HETATM 799 C C4     . DAJ D 2 .  ? 1.319   -5.448  0.400   1.00 2.44 ? 13 DAJ B C4     1 
HETATM 800 C C12    . DAJ D 2 .  ? 3.224   -6.490  0.448   1.00 2.39 ? 13 DAJ B C12    1 
HETATM 801 C C11    . DAJ D 2 .  ? 2.263   -7.395  0.062   1.00 2.61 ? 13 DAJ B C11    1 
HETATM 802 O O1     . DAJ D 2 .  ? 5.437   -6.009  0.900   1.00 2.17 ? 13 DAJ B O1     1 
HETATM 803 C C5     . DAJ D 2 .  ? 4.599   -6.856  0.591   1.00 2.33 ? 13 DAJ B C5     1 
HETATM 804 C C6     . DAJ D 2 .  ? 4.979   -8.214  0.317   1.00 2.51 ? 13 DAJ B C6     1 
HETATM 805 C C13    . DAJ D 2 .  ? 6.454   -8.650  0.423   1.00 2.51 ? 13 DAJ B C13    1 
HETATM 806 C C7     . DAJ D 2 .  ? 3.977   -9.165  -0.057  1.00 2.71 ? 13 DAJ B C7     1 
HETATM 807 N N3     . DAJ D 2 .  ? 4.335   -10.429 -0.262  1.00 2.88 ? 13 DAJ B N3     1 
HETATM 808 O O2     . DAJ D 2 .  ? 1.709   -9.574  -0.463  1.00 2.97 ? 13 DAJ B O2     1 
HETATM 809 C C8     . DAJ D 2 .  ? 2.593   -8.774  -0.161  1.00 2.77 ? 13 DAJ B C8     1 
HETATM 810 C C9     . DAJ D 2 .  ? 1.034   -6.755  0.053   1.00 2.66 ? 13 DAJ B C9     1 
HETATM 811 C C10    . DAJ D 2 .  ? -0.323  -7.420  -0.308  1.00 2.91 ? 13 DAJ B C10    1 
HETATM 812 H H11    . DAJ D 2 .  ? -0.003  -3.753  -0.253  1.00 2.45 ? 13 DAJ B H11    1 
HETATM 813 H H12    . DAJ D 2 .  ? -0.046  -3.929  1.466   1.00 2.40 ? 13 DAJ B H12    1 
HETATM 814 H H2     . DAJ D 2 .  ? 1.885   -2.741  -0.299  1.00 2.09 ? 13 DAJ B H2     1 
HETATM 815 H HN1    . DAJ D 2 .  ? 0.699   -1.638  1.615   1.00 2.23 ? 13 DAJ B HN1    1 
HETATM 816 H HN2    . DAJ D 2 .  ? 2.333   -1.284  1.571   1.00 2.25 ? 13 DAJ B HN2    1 
HETATM 817 H HN3    . DAJ D 2 .  ? 1.731   -2.327  2.658   1.00 2.25 ? 13 DAJ B HN3    1 
HETATM 818 H H31    . DAJ D 2 .  ? 3.106   -4.046  2.197   1.00 2.00 ? 13 DAJ B H31    1 
HETATM 819 H H32    . DAJ D 2 .  ? 3.964   -3.571  0.701   1.00 1.92 ? 13 DAJ B H32    1 
HETATM 820 H H131   . DAJ D 2 .  ? 6.523   -9.574  0.998   1.00 2.77 ? 13 DAJ B H131   1 
HETATM 821 H H132   . DAJ D 2 .  ? 7.047   -7.879  0.916   1.00 2.63 ? 13 DAJ B H132   1 
HETATM 822 H H133   . DAJ D 2 .  ? 6.850   -8.823  -0.578  1.00 2.67 ? 13 DAJ B H133   1 
HETATM 823 H HN4    . DAJ D 2 .  ? 3.663   -11.125 -0.549  1.00 2.85 ? 13 DAJ B HN4    1 
HETATM 824 H HN5    . DAJ D 2 .  ? 5.316   -10.672 -0.255  1.00 3.12 ? 13 DAJ B HN5    1 
HETATM 825 H H101   . DAJ D 2 .  ? -0.336  -8.460  0.020   1.00 3.02 ? 13 DAJ B H101   1 
HETATM 826 H H102   . DAJ D 2 .  ? -1.134  -6.922  0.223   1.00 2.96 ? 13 DAJ B H102   1 
# 
